data_6IMB
#
_entry.id   6IMB
#
_cell.length_a   58.497
_cell.length_b   80.432
_cell.length_c   163.532
_cell.angle_alpha   90.00
_cell.angle_beta   90.00
_cell.angle_gamma   90.00
#
_symmetry.space_group_name_H-M   'P 21 21 21'
#
loop_
_entity.id
_entity.type
_entity.pdbx_description
1 polymer "cAMP-specific 3',5'-cyclic phosphodiesterase 4D"
2 non-polymer 'ZINC ION'
3 non-polymer 'MAGNESIUM ION'
4 non-polymer 6,7-dimethoxy-3,4-dihydroisoquinoline-2(1H)-carbaldehyde
5 non-polymer 1,2-ETHANEDIOL
6 water water
#
_entity_poly.entity_id   1
_entity_poly.type   'polypeptide(L)'
_entity_poly.pdbx_seq_one_letter_code
;MGSSHHHHHHSSGLVPRGSHMTEQEDVLAKELEDVNKWGLHVFRIAELSGNRPLTVIMHTIFQERDLLKTFKIPVDTLIT
YLMTLEDHYHADVAYHNNIHAADVVQSTHVLLSTPALEAVFTDLEILAAIFASAIHDVDHPGVSNQFLINTNSELALMYN
DSSVLENHHLAVGFKLLQEENCDIFQNLTKKQRQSLRKMVIDIVLATDMSKHMNLLADLKTMVETKKVTSSGVLLLDNYS
DRIQVLQNMVHCADLSNPTKPLQLYRQWTDRIMEEFFRQGDRERERGMEISPMCDKHNASVEKSQVGFIDYIVHPLWETW
ADLVHPDAQDILDTLEDNREWYQSTIPQS
;
_entity_poly.pdbx_strand_id   A,B
#
loop_
_chem_comp.id
_chem_comp.type
_chem_comp.name
_chem_comp.formula
AH9 non-polymer 6,7-dimethoxy-3,4-dihydroisoquinoline-2(1H)-carbaldehyde 'C12 H15 N O3'
EDO non-polymer 1,2-ETHANEDIOL 'C2 H6 O2'
MG non-polymer 'MAGNESIUM ION' 'Mg 2'
ZN non-polymer 'ZINC ION' 'Zn 2'
#
# COMPACT_ATOMS: atom_id res chain seq x y z
N GLN A 24 -16.40 33.05 -27.88
CA GLN A 24 -15.68 31.82 -27.55
C GLN A 24 -16.25 31.21 -26.27
N GLU A 25 -16.65 32.08 -25.34
CA GLU A 25 -17.33 31.59 -24.15
C GLU A 25 -18.69 31.02 -24.50
N ASP A 26 -19.35 31.57 -25.53
CA ASP A 26 -20.63 31.04 -25.96
C ASP A 26 -20.48 29.65 -26.56
N VAL A 27 -19.44 29.44 -27.36
CA VAL A 27 -19.19 28.12 -27.95
C VAL A 27 -18.84 27.12 -26.85
N LEU A 28 -18.04 27.54 -25.87
CA LEU A 28 -17.73 26.65 -24.75
C LEU A 28 -18.99 26.21 -24.03
N ALA A 29 -19.89 27.16 -23.76
CA ALA A 29 -21.13 26.83 -23.06
C ALA A 29 -21.98 25.86 -23.87
N LYS A 30 -22.04 26.07 -25.19
CA LYS A 30 -22.74 25.15 -26.07
C LYS A 30 -22.18 23.74 -25.95
N GLU A 31 -20.86 23.61 -26.01
CA GLU A 31 -20.25 22.27 -25.93
C GLU A 31 -20.51 21.63 -24.57
N LEU A 32 -20.52 22.41 -23.50
CA LEU A 32 -20.76 21.85 -22.18
C LEU A 32 -22.20 21.38 -22.00
N GLU A 33 -23.12 21.75 -22.90
CA GLU A 33 -24.47 21.19 -22.87
C GLU A 33 -24.47 19.69 -23.15
N ASP A 34 -23.38 19.16 -23.71
CA ASP A 34 -23.25 17.73 -24.01
C ASP A 34 -22.67 16.92 -22.85
N VAL A 35 -22.56 17.51 -21.65
CA VAL A 35 -21.85 16.82 -20.58
C VAL A 35 -22.51 15.51 -20.15
N ASN A 36 -23.76 15.27 -20.50
CA ASN A 36 -24.39 14.00 -20.13
C ASN A 36 -24.26 12.95 -21.22
N LYS A 37 -23.50 13.22 -22.29
CA LYS A 37 -23.47 12.37 -23.47
C LYS A 37 -22.10 11.69 -23.60
N TRP A 38 -22.13 10.41 -23.95
CA TRP A 38 -20.92 9.69 -24.34
C TRP A 38 -20.41 10.27 -25.65
N GLY A 39 -19.16 10.70 -25.69
CA GLY A 39 -18.62 11.31 -26.89
C GLY A 39 -18.55 12.82 -26.87
N LEU A 40 -18.68 13.43 -25.69
CA LEU A 40 -18.43 14.84 -25.47
C LEU A 40 -17.15 15.30 -26.18
N HIS A 41 -17.18 16.51 -26.71
CA HIS A 41 -16.04 17.06 -27.46
C HIS A 41 -14.97 17.58 -26.50
N VAL A 42 -14.30 16.64 -25.82
CA VAL A 42 -13.48 17.06 -24.67
C VAL A 42 -12.22 17.80 -25.11
N PHE A 43 -11.65 17.48 -26.29
CA PHE A 43 -10.48 18.21 -26.75
C PHE A 43 -10.84 19.63 -27.16
N ARG A 44 -12.02 19.80 -27.77
CA ARG A 44 -12.49 21.15 -28.07
C ARG A 44 -12.73 21.93 -26.79
N ILE A 45 -13.36 21.30 -25.79
CA ILE A 45 -13.58 21.99 -24.52
C ILE A 45 -12.26 22.40 -23.89
N ALA A 46 -11.23 21.55 -24.01
CA ALA A 46 -9.92 21.90 -23.48
C ALA A 46 -9.38 23.18 -24.13
N GLU A 47 -9.53 23.30 -25.44
CA GLU A 47 -9.08 24.51 -26.14
C GLU A 47 -9.97 25.69 -25.81
N LEU A 48 -11.30 25.51 -25.88
CA LEU A 48 -12.21 26.63 -25.68
C LEU A 48 -12.11 27.20 -24.27
N SER A 49 -11.74 26.38 -23.30
CA SER A 49 -11.68 26.80 -21.90
C SER A 49 -10.31 27.32 -21.51
N GLY A 50 -9.40 27.47 -22.46
CA GLY A 50 -8.06 27.93 -22.11
C GLY A 50 -7.27 26.90 -21.34
N ASN A 51 -7.33 25.64 -21.77
CA ASN A 51 -6.70 24.51 -21.10
C ASN A 51 -7.19 24.34 -19.66
N ARG A 52 -8.49 24.52 -19.45
CA ARG A 52 -9.11 24.21 -18.18
C ARG A 52 -10.26 23.22 -18.32
N PRO A 53 -10.10 22.13 -19.10
CA PRO A 53 -11.21 21.18 -19.23
C PRO A 53 -11.61 20.55 -17.92
N LEU A 54 -10.65 20.27 -17.04
CA LEU A 54 -11.02 19.62 -15.78
C LEU A 54 -11.86 20.55 -14.92
N THR A 55 -11.45 21.82 -14.83
CA THR A 55 -12.19 22.77 -14.00
C THR A 55 -13.61 22.98 -14.54
N VAL A 56 -13.74 23.23 -15.85
CA VAL A 56 -15.07 23.58 -16.36
C VAL A 56 -15.98 22.36 -16.41
N ILE A 57 -15.44 21.17 -16.69
CA ILE A 57 -16.30 19.99 -16.72
C ILE A 57 -16.70 19.57 -15.31
N MET A 58 -15.77 19.61 -14.35
CA MET A 58 -16.14 19.33 -12.96
C MET A 58 -17.18 20.33 -12.46
N HIS A 59 -16.98 21.63 -12.73
CA HIS A 59 -17.95 22.62 -12.27
C HIS A 59 -19.32 22.35 -12.88
N THR A 60 -19.36 22.08 -14.18
CA THR A 60 -20.63 21.79 -14.85
C THR A 60 -21.32 20.58 -14.23
N ILE A 61 -20.56 19.50 -13.98
CA ILE A 61 -21.15 18.31 -13.40
C ILE A 61 -21.63 18.56 -11.96
N PHE A 62 -20.87 19.32 -11.18
CA PHE A 62 -21.32 19.63 -9.82
C PHE A 62 -22.61 20.43 -9.83
N GLN A 63 -22.73 21.39 -10.76
CA GLN A 63 -23.99 22.13 -10.88
C GLN A 63 -25.11 21.20 -11.35
N GLU A 64 -24.84 20.38 -12.36
CA GLU A 64 -25.87 19.48 -12.90
C GLU A 64 -26.40 18.53 -11.84
N ARG A 65 -25.54 18.06 -10.94
CA ARG A 65 -25.95 17.12 -9.90
C ARG A 65 -26.32 17.80 -8.59
N ASP A 66 -26.34 19.13 -8.56
CA ASP A 66 -26.70 19.92 -7.37
C ASP A 66 -25.78 19.63 -6.18
N LEU A 67 -24.51 19.31 -6.45
CA LEU A 67 -23.61 18.90 -5.39
C LEU A 67 -23.15 20.06 -4.53
N LEU A 68 -23.06 21.27 -5.11
CA LEU A 68 -22.68 22.43 -4.32
C LEU A 68 -23.70 22.69 -3.23
N LYS A 69 -24.99 22.66 -3.58
CA LYS A 69 -26.05 22.83 -2.60
C LYS A 69 -26.07 21.69 -1.59
N THR A 70 -26.01 20.44 -2.08
CA THR A 70 -26.16 19.29 -1.20
C THR A 70 -25.07 19.26 -0.13
N PHE A 71 -23.84 19.61 -0.49
CA PHE A 71 -22.72 19.51 0.42
C PHE A 71 -22.22 20.89 0.87
N LYS A 72 -22.98 21.94 0.61
CA LYS A 72 -22.66 23.31 1.01
C LYS A 72 -21.24 23.69 0.60
N ILE A 73 -20.89 23.42 -0.66
CA ILE A 73 -19.58 23.75 -1.20
C ILE A 73 -19.62 25.18 -1.71
N PRO A 74 -18.84 26.11 -1.14
CA PRO A 74 -18.76 27.45 -1.73
C PRO A 74 -18.19 27.38 -3.14
N VAL A 75 -18.82 28.10 -4.06
CA VAL A 75 -18.43 28.02 -5.47
C VAL A 75 -16.98 28.48 -5.65
N ASP A 76 -16.58 29.54 -4.95
CA ASP A 76 -15.19 30.00 -5.07
C ASP A 76 -14.21 28.98 -4.54
N THR A 77 -14.58 28.23 -3.50
CA THR A 77 -13.71 27.16 -3.00
C THR A 77 -13.61 26.03 -4.02
N LEU A 78 -14.73 25.64 -4.63
CA LEU A 78 -14.69 24.61 -5.67
C LEU A 78 -13.80 25.03 -6.81
N ILE A 79 -13.95 26.27 -7.30
CA ILE A 79 -13.15 26.69 -8.45
C ILE A 79 -11.68 26.79 -8.07
N THR A 80 -11.37 27.31 -6.88
CA THR A 80 -9.98 27.40 -6.46
C THR A 80 -9.36 26.01 -6.35
N TYR A 81 -10.07 25.06 -5.75
CA TYR A 81 -9.52 23.70 -5.68
C TYR A 81 -9.33 23.10 -7.07
N LEU A 82 -10.35 23.23 -7.93
CA LEU A 82 -10.25 22.61 -9.25
C LEU A 82 -9.09 23.20 -10.05
N MET A 83 -8.86 24.50 -9.97
CA MET A 83 -7.76 25.09 -10.73
C MET A 83 -6.41 24.62 -10.19
N THR A 84 -6.28 24.50 -8.86
CA THR A 84 -5.04 23.99 -8.27
C THR A 84 -4.81 22.52 -8.62
N LEU A 85 -5.86 21.69 -8.51
CA LEU A 85 -5.77 20.30 -8.92
C LEU A 85 -5.35 20.19 -10.39
N GLU A 86 -6.04 20.94 -11.26
CA GLU A 86 -5.73 20.90 -12.68
C GLU A 86 -4.29 21.33 -12.94
N ASP A 87 -3.83 22.36 -12.20
CA ASP A 87 -2.43 22.80 -12.32
C ASP A 87 -1.45 21.68 -12.00
N HIS A 88 -1.84 20.73 -11.13
CA HIS A 88 -0.90 19.68 -10.74
C HIS A 88 -0.93 18.47 -11.67
N TYR A 89 -1.73 18.52 -12.74
CA TYR A 89 -1.51 17.65 -13.88
C TYR A 89 -0.41 18.27 -14.74
N HIS A 90 0.39 17.44 -15.40
CA HIS A 90 1.54 17.91 -16.16
C HIS A 90 1.11 18.29 -17.56
N ALA A 91 1.19 19.58 -17.89
CA ALA A 91 0.77 20.03 -19.21
C ALA A 91 1.67 19.48 -20.31
N ASP A 92 2.85 18.98 -19.98
CA ASP A 92 3.80 18.49 -20.98
C ASP A 92 3.78 16.98 -21.13
N VAL A 93 2.80 16.29 -20.53
CA VAL A 93 2.65 14.85 -20.69
C VAL A 93 1.52 14.63 -21.70
N ALA A 94 1.75 13.76 -22.68
CA ALA A 94 0.85 13.71 -23.85
C ALA A 94 -0.51 13.10 -23.51
N TYR A 95 -0.54 12.11 -22.62
CA TYR A 95 -1.79 11.41 -22.33
C TYR A 95 -2.29 11.66 -20.91
N HIS A 96 -1.46 11.37 -19.89
CA HIS A 96 -1.88 11.47 -18.50
C HIS A 96 -1.86 12.91 -17.97
N ASN A 97 -2.71 13.72 -18.58
CA ASN A 97 -2.79 15.16 -18.29
C ASN A 97 -4.22 15.53 -17.89
N ASN A 98 -4.47 16.85 -17.79
CA ASN A 98 -5.77 17.33 -17.34
C ASN A 98 -6.91 16.95 -18.29
N ILE A 99 -6.62 16.75 -19.59
CA ILE A 99 -7.69 16.35 -20.51
C ILE A 99 -8.14 14.94 -20.20
N HIS A 100 -7.18 14.04 -19.94
CA HIS A 100 -7.52 12.69 -19.51
C HIS A 100 -8.34 12.70 -18.24
N ALA A 101 -7.91 13.49 -17.25
CA ALA A 101 -8.67 13.59 -16.01
C ALA A 101 -10.10 14.07 -16.28
N ALA A 102 -10.25 15.13 -17.08
CA ALA A 102 -11.59 15.62 -17.39
C ALA A 102 -12.42 14.56 -18.08
N ASP A 103 -11.78 13.79 -18.97
CA ASP A 103 -12.47 12.74 -19.72
C ASP A 103 -12.95 11.64 -18.78
N VAL A 104 -12.11 11.22 -17.83
CA VAL A 104 -12.52 10.16 -16.91
C VAL A 104 -13.62 10.65 -15.98
N VAL A 105 -13.53 11.90 -15.53
CA VAL A 105 -14.61 12.52 -14.76
C VAL A 105 -15.93 12.45 -15.51
N GLN A 106 -15.94 12.94 -16.74
CA GLN A 106 -17.19 13.03 -17.48
C GLN A 106 -17.72 11.64 -17.81
N SER A 107 -16.81 10.71 -18.10
CA SER A 107 -17.24 9.34 -18.39
C SER A 107 -17.85 8.68 -17.16
N THR A 108 -17.23 8.85 -15.98
CA THR A 108 -17.82 8.37 -14.75
C THR A 108 -19.19 8.99 -14.50
N HIS A 109 -19.32 10.30 -14.75
CA HIS A 109 -20.60 10.99 -14.59
C HIS A 109 -21.68 10.35 -15.45
N VAL A 110 -21.34 9.96 -16.67
CA VAL A 110 -22.33 9.30 -17.52
C VAL A 110 -22.65 7.91 -16.99
N LEU A 111 -21.63 7.14 -16.63
CA LEU A 111 -21.87 5.80 -16.10
C LEU A 111 -22.72 5.84 -14.82
N LEU A 112 -22.55 6.86 -13.98
CA LEU A 112 -23.34 6.95 -12.76
C LEU A 112 -24.82 7.11 -13.05
N SER A 113 -25.17 7.63 -14.22
CA SER A 113 -26.55 7.92 -14.59
C SER A 113 -27.24 6.76 -15.28
N THR A 114 -26.61 5.59 -15.34
CA THR A 114 -27.19 4.49 -16.08
C THR A 114 -28.48 4.03 -15.40
N PRO A 115 -29.51 3.71 -16.17
CA PRO A 115 -30.81 3.34 -15.55
C PRO A 115 -30.70 2.25 -14.51
N ALA A 116 -29.85 1.24 -14.74
CA ALA A 116 -29.69 0.14 -13.80
C ALA A 116 -29.17 0.58 -12.44
N LEU A 117 -28.70 1.82 -12.31
CA LEU A 117 -28.18 2.30 -11.03
C LEU A 117 -29.01 3.44 -10.45
N GLU A 118 -30.22 3.65 -10.95
CA GLU A 118 -31.04 4.76 -10.47
C GLU A 118 -31.34 4.61 -8.98
N ALA A 119 -31.07 5.67 -8.22
CA ALA A 119 -31.30 5.73 -6.78
C ALA A 119 -30.50 4.69 -6.00
N VAL A 120 -29.50 4.07 -6.61
CA VAL A 120 -28.70 3.07 -5.89
C VAL A 120 -27.70 3.74 -4.96
N PHE A 121 -26.95 4.71 -5.47
CA PHE A 121 -25.87 5.32 -4.70
C PHE A 121 -26.32 6.60 -4.02
N THR A 122 -25.73 6.86 -2.85
CA THR A 122 -26.00 8.09 -2.12
C THR A 122 -25.28 9.26 -2.77
N ASP A 123 -25.68 10.47 -2.39
CA ASP A 123 -24.95 11.65 -2.84
C ASP A 123 -23.47 11.57 -2.44
N LEU A 124 -23.17 11.03 -1.26
CA LEU A 124 -21.77 10.97 -0.84
C LEU A 124 -20.98 10.00 -1.71
N GLU A 125 -21.60 8.87 -2.08
CA GLU A 125 -20.91 7.92 -2.96
C GLU A 125 -20.71 8.51 -4.35
N ILE A 126 -21.71 9.26 -4.84
CA ILE A 126 -21.59 9.93 -6.12
C ILE A 126 -20.45 10.93 -6.07
N LEU A 127 -20.41 11.73 -4.99
CA LEU A 127 -19.31 12.68 -4.80
C LEU A 127 -17.97 11.96 -4.79
N ALA A 128 -17.88 10.84 -4.07
CA ALA A 128 -16.62 10.10 -3.99
C ALA A 128 -16.17 9.62 -5.37
N ALA A 129 -17.09 9.08 -6.17
CA ALA A 129 -16.69 8.55 -7.48
C ALA A 129 -16.22 9.66 -8.40
N ILE A 130 -16.89 10.82 -8.36
CA ILE A 130 -16.51 11.92 -9.24
C ILE A 130 -15.21 12.56 -8.78
N PHE A 131 -15.06 12.79 -7.48
CA PHE A 131 -13.81 13.33 -6.96
C PHE A 131 -12.65 12.38 -7.22
N ALA A 132 -12.85 11.07 -6.98
CA ALA A 132 -11.81 10.10 -7.29
C ALA A 132 -11.37 10.21 -8.74
N SER A 133 -12.34 10.30 -9.66
CA SER A 133 -12.03 10.41 -11.08
C SER A 133 -11.19 11.65 -11.36
N ALA A 134 -11.52 12.76 -10.70
CA ALA A 134 -10.82 14.01 -10.95
C ALA A 134 -9.36 13.95 -10.51
N ILE A 135 -9.09 13.30 -9.36
CA ILE A 135 -7.72 13.28 -8.83
C ILE A 135 -6.93 12.05 -9.28
N HIS A 136 -7.53 11.13 -10.04
CA HIS A 136 -7.00 9.76 -10.08
C HIS A 136 -5.64 9.64 -10.76
N ASP A 137 -5.22 10.63 -11.57
CA ASP A 137 -3.90 10.59 -12.19
C ASP A 137 -3.10 11.87 -11.91
N VAL A 138 -3.44 12.62 -10.86
CA VAL A 138 -2.82 13.92 -10.66
C VAL A 138 -1.31 13.77 -10.42
N ASP A 139 -0.54 14.70 -11.01
CA ASP A 139 0.94 14.70 -10.91
C ASP A 139 1.56 13.45 -11.56
N HIS A 140 0.88 12.87 -12.54
CA HIS A 140 1.45 11.72 -13.27
C HIS A 140 2.65 12.18 -14.10
N PRO A 141 3.81 11.52 -13.97
CA PRO A 141 5.01 11.96 -14.68
C PRO A 141 5.12 11.43 -16.10
N GLY A 142 4.16 10.65 -16.57
CA GLY A 142 4.19 10.14 -17.93
C GLY A 142 4.99 8.88 -18.14
N VAL A 143 5.35 8.17 -17.07
CA VAL A 143 6.04 6.90 -17.14
C VAL A 143 5.32 5.93 -16.21
N SER A 144 5.52 4.64 -16.45
CA SER A 144 4.76 3.60 -15.76
C SER A 144 5.30 3.32 -14.36
N ASN A 145 4.50 2.60 -13.57
CA ASN A 145 4.96 2.08 -12.29
C ASN A 145 6.22 1.24 -12.47
N GLN A 146 6.22 0.36 -13.46
CA GLN A 146 7.39 -0.51 -13.66
C GLN A 146 8.63 0.32 -13.96
N PHE A 147 8.49 1.35 -14.78
CA PHE A 147 9.62 2.23 -15.05
C PHE A 147 10.13 2.88 -13.76
N LEU A 148 9.21 3.41 -12.94
CA LEU A 148 9.61 4.06 -11.69
C LEU A 148 10.30 3.08 -10.74
N ILE A 149 9.83 1.84 -10.70
CA ILE A 149 10.47 0.82 -9.87
C ILE A 149 11.85 0.48 -10.41
N ASN A 150 11.95 0.22 -11.71
CA ASN A 150 13.18 -0.29 -12.28
C ASN A 150 14.30 0.76 -12.25
N THR A 151 13.93 2.05 -12.25
CA THR A 151 14.90 3.13 -12.20
C THR A 151 15.19 3.63 -10.78
N ASN A 152 14.70 2.92 -9.76
CA ASN A 152 14.93 3.28 -8.35
C ASN A 152 14.52 4.73 -8.07
N SER A 153 13.35 5.12 -8.55
CA SER A 153 12.86 6.48 -8.40
C SER A 153 12.51 6.77 -6.94
N GLU A 154 12.47 8.07 -6.60
CA GLU A 154 12.06 8.47 -5.26
C GLU A 154 10.63 8.04 -4.96
N LEU A 155 9.74 8.10 -5.97
CA LEU A 155 8.36 7.66 -5.78
C LEU A 155 8.31 6.17 -5.41
N ALA A 156 9.06 5.33 -6.12
CA ALA A 156 9.01 3.91 -5.83
C ALA A 156 9.62 3.60 -4.48
N LEU A 157 10.63 4.39 -4.08
CA LEU A 157 11.21 4.25 -2.75
C LEU A 157 10.24 4.68 -1.65
N MET A 158 9.51 5.77 -1.89
CA MET A 158 8.50 6.20 -0.92
C MET A 158 7.42 5.13 -0.74
N TYR A 159 6.99 4.50 -1.82
CA TYR A 159 5.81 3.67 -1.79
C TYR A 159 6.11 2.17 -1.88
N ASN A 160 7.38 1.77 -1.71
CA ASN A 160 7.74 0.35 -1.57
C ASN A 160 7.23 -0.47 -2.76
N ASP A 161 7.33 0.13 -3.95
CA ASP A 161 7.05 -0.49 -5.24
C ASP A 161 5.60 -0.92 -5.40
N SER A 162 4.70 -0.47 -4.53
CA SER A 162 3.33 -0.98 -4.50
C SER A 162 2.36 0.14 -4.87
N SER A 163 1.65 -0.04 -6.00
CA SER A 163 0.74 0.98 -6.54
C SER A 163 1.36 2.36 -6.43
N VAL A 164 2.58 2.49 -6.96
CA VAL A 164 3.40 3.67 -6.70
C VAL A 164 2.68 4.94 -7.16
N LEU A 165 2.29 4.98 -8.43
CA LEU A 165 1.62 6.18 -8.95
C LEU A 165 0.30 6.43 -8.26
N GLU A 166 -0.49 5.38 -8.06
CA GLU A 166 -1.85 5.56 -7.57
C GLU A 166 -1.86 6.06 -6.13
N ASN A 167 -0.93 5.55 -5.31
CA ASN A 167 -0.78 6.11 -3.97
C ASN A 167 -0.40 7.57 -4.03
N HIS A 168 0.47 7.93 -4.97
CA HIS A 168 0.90 9.32 -5.11
C HIS A 168 -0.26 10.21 -5.56
N HIS A 169 -1.07 9.74 -6.52
CA HIS A 169 -2.18 10.55 -6.99
C HIS A 169 -3.12 10.88 -5.85
N LEU A 170 -3.41 9.89 -5.00
CA LEU A 170 -4.25 10.10 -3.82
C LEU A 170 -3.63 11.11 -2.88
N ALA A 171 -2.34 10.94 -2.55
CA ALA A 171 -1.70 11.83 -1.59
C ALA A 171 -1.74 13.27 -2.08
N VAL A 172 -1.47 13.48 -3.37
CA VAL A 172 -1.51 14.83 -3.92
C VAL A 172 -2.94 15.37 -3.92
N GLY A 173 -3.89 14.56 -4.38
CA GLY A 173 -5.26 15.04 -4.49
C GLY A 173 -5.83 15.46 -3.15
N PHE A 174 -5.52 14.71 -2.10
CA PHE A 174 -5.97 15.06 -0.76
C PHE A 174 -5.18 16.22 -0.17
N LYS A 175 -3.85 16.25 -0.38
CA LYS A 175 -3.03 17.32 0.18
C LYS A 175 -3.48 18.68 -0.35
N LEU A 176 -3.91 18.73 -1.62
CA LEU A 176 -4.28 20.01 -2.21
C LEU A 176 -5.53 20.60 -1.57
N LEU A 177 -6.35 19.78 -0.90
CA LEU A 177 -7.50 20.31 -0.18
C LEU A 177 -7.10 21.23 0.96
N GLN A 178 -5.85 21.15 1.39
CA GLN A 178 -5.38 21.94 2.52
C GLN A 178 -4.79 23.28 2.09
N GLU A 179 -4.70 23.53 0.79
CA GLU A 179 -4.23 24.82 0.29
C GLU A 179 -5.28 25.89 0.54
N GLU A 180 -4.86 27.15 0.40
CA GLU A 180 -5.70 28.27 0.76
C GLU A 180 -7.02 28.25 -0.03
N ASN A 181 -8.14 28.20 0.71
CA ASN A 181 -9.49 28.22 0.16
C ASN A 181 -9.71 27.07 -0.82
N CYS A 182 -9.21 25.90 -0.47
CA CYS A 182 -9.31 24.71 -1.31
C CYS A 182 -10.09 23.56 -0.68
N ASP A 183 -10.52 23.67 0.58
CA ASP A 183 -11.20 22.51 1.19
C ASP A 183 -12.66 22.49 0.76
N ILE A 184 -12.92 21.83 -0.38
CA ILE A 184 -14.28 21.70 -0.86
C ILE A 184 -15.15 20.83 0.03
N PHE A 185 -14.55 20.10 0.97
CA PHE A 185 -15.31 19.26 1.88
C PHE A 185 -15.46 19.89 3.26
N GLN A 186 -15.30 21.20 3.36
CA GLN A 186 -15.25 21.87 4.67
C GLN A 186 -16.57 21.74 5.45
N ASN A 187 -17.69 21.56 4.76
CA ASN A 187 -18.98 21.50 5.44
C ASN A 187 -19.55 20.09 5.53
N LEU A 188 -18.77 19.06 5.16
CA LEU A 188 -19.20 17.71 5.43
C LEU A 188 -19.04 17.40 6.92
N THR A 189 -19.89 16.50 7.43
CA THR A 189 -19.68 16.00 8.79
C THR A 189 -18.38 15.21 8.86
N LYS A 190 -17.91 14.96 10.09
CA LYS A 190 -16.71 14.15 10.27
C LYS A 190 -16.90 12.74 9.73
N LYS A 191 -18.05 12.12 10.01
CA LYS A 191 -18.31 10.78 9.49
C LYS A 191 -18.39 10.81 7.97
N GLN A 192 -18.95 11.88 7.38
CA GLN A 192 -19.00 11.99 5.93
C GLN A 192 -17.60 12.08 5.34
N ARG A 193 -16.74 12.91 5.94
CA ARG A 193 -15.37 13.05 5.45
C ARG A 193 -14.61 11.74 5.59
N GLN A 194 -14.79 11.06 6.72
CA GLN A 194 -14.12 9.78 6.92
C GLN A 194 -14.55 8.75 5.88
N SER A 195 -15.85 8.68 5.62
CA SER A 195 -16.37 7.73 4.65
C SER A 195 -15.91 8.07 3.24
N LEU A 196 -15.97 9.36 2.87
CA LEU A 196 -15.55 9.78 1.55
C LEU A 196 -14.08 9.47 1.31
N ARG A 197 -13.23 9.78 2.29
CA ARG A 197 -11.79 9.52 2.15
C ARG A 197 -11.53 8.05 1.88
N LYS A 198 -12.16 7.16 2.66
CA LYS A 198 -11.96 5.73 2.47
C LYS A 198 -12.43 5.29 1.08
N MET A 199 -13.59 5.77 0.65
CA MET A 199 -14.11 5.36 -0.65
C MET A 199 -13.20 5.85 -1.79
N VAL A 200 -12.71 7.08 -1.68
CA VAL A 200 -11.86 7.61 -2.73
C VAL A 200 -10.55 6.83 -2.82
N ILE A 201 -9.97 6.50 -1.67
CA ILE A 201 -8.75 5.70 -1.67
C ILE A 201 -9.01 4.35 -2.32
N ASP A 202 -10.12 3.70 -1.94
CA ASP A 202 -10.45 2.40 -2.52
C ASP A 202 -10.63 2.49 -4.03
N ILE A 203 -11.23 3.59 -4.52
CA ILE A 203 -11.49 3.71 -5.94
C ILE A 203 -10.19 3.98 -6.71
N VAL A 204 -9.37 4.93 -6.24
CA VAL A 204 -8.19 5.24 -7.03
C VAL A 204 -7.19 4.09 -7.00
N LEU A 205 -7.06 3.38 -5.88
CA LEU A 205 -6.14 2.24 -5.86
C LEU A 205 -6.57 1.18 -6.86
N ALA A 206 -7.85 1.09 -7.17
CA ALA A 206 -8.36 0.13 -8.16
C ALA A 206 -8.04 0.51 -9.59
N THR A 207 -7.46 1.70 -9.84
CA THR A 207 -7.05 2.07 -11.18
C THR A 207 -5.66 1.55 -11.52
N ASP A 208 -4.96 0.95 -10.57
CA ASP A 208 -3.68 0.29 -10.84
C ASP A 208 -3.93 -0.94 -11.72
N MET A 209 -3.34 -0.95 -12.92
N MET A 209 -3.33 -0.95 -12.92
CA MET A 209 -3.59 -2.06 -13.84
CA MET A 209 -3.56 -2.05 -13.84
C MET A 209 -3.13 -3.41 -13.29
C MET A 209 -3.14 -3.40 -13.28
N SER A 210 -2.23 -3.42 -12.30
CA SER A 210 -1.85 -4.68 -11.68
C SER A 210 -3.01 -5.32 -10.92
N LYS A 211 -4.09 -4.57 -10.67
CA LYS A 211 -5.27 -5.07 -9.99
C LYS A 211 -6.38 -5.45 -10.95
N HIS A 212 -6.18 -5.25 -12.25
CA HIS A 212 -7.27 -5.38 -13.22
C HIS A 212 -7.82 -6.80 -13.24
N MET A 213 -6.96 -7.81 -13.26
CA MET A 213 -7.45 -9.17 -13.44
C MET A 213 -8.30 -9.60 -12.25
N ASN A 214 -7.85 -9.35 -11.02
CA ASN A 214 -8.65 -9.68 -9.86
C ASN A 214 -9.92 -8.85 -9.80
N LEU A 215 -9.83 -7.56 -10.14
CA LEU A 215 -11.02 -6.74 -10.19
C LEU A 215 -12.05 -7.28 -11.19
N LEU A 216 -11.58 -7.68 -12.38
CA LEU A 216 -12.50 -8.18 -13.38
C LEU A 216 -13.09 -9.52 -12.96
N ALA A 217 -12.25 -10.40 -12.41
CA ALA A 217 -12.74 -11.69 -11.92
C ALA A 217 -13.87 -11.49 -10.91
N ASP A 218 -13.68 -10.54 -9.99
CA ASP A 218 -14.71 -10.22 -9.00
C ASP A 218 -15.96 -9.67 -9.66
N LEU A 219 -15.80 -8.78 -10.64
CA LEU A 219 -16.96 -8.20 -11.30
C LEU A 219 -17.77 -9.29 -12.02
N LYS A 220 -17.08 -10.24 -12.65
CA LYS A 220 -17.78 -11.34 -13.29
C LYS A 220 -18.58 -12.14 -12.28
N THR A 221 -18.00 -12.39 -11.11
CA THR A 221 -18.72 -13.11 -10.07
C THR A 221 -19.97 -12.36 -9.64
N MET A 222 -19.89 -11.03 -9.52
CA MET A 222 -21.08 -10.25 -9.19
C MET A 222 -22.14 -10.36 -10.29
N VAL A 223 -21.73 -10.28 -11.56
CA VAL A 223 -22.68 -10.42 -12.65
C VAL A 223 -23.39 -11.76 -12.58
N GLU A 224 -22.64 -12.83 -12.31
CA GLU A 224 -23.23 -14.17 -12.30
C GLU A 224 -24.19 -14.35 -11.14
N THR A 225 -24.06 -13.55 -10.08
CA THR A 225 -24.88 -13.69 -8.88
C THR A 225 -25.73 -12.46 -8.62
N LYS A 226 -25.92 -11.61 -9.62
CA LYS A 226 -26.45 -10.28 -9.34
C LYS A 226 -27.90 -10.35 -8.93
N LYS A 227 -28.28 -9.49 -7.99
CA LYS A 227 -29.65 -9.36 -7.54
C LYS A 227 -30.18 -7.99 -7.97
N VAL A 228 -31.43 -7.96 -8.40
CA VAL A 228 -32.06 -6.71 -8.81
C VAL A 228 -33.31 -6.51 -7.96
N THR A 229 -33.64 -5.24 -7.71
CA THR A 229 -34.79 -4.91 -6.90
C THR A 229 -36.07 -5.01 -7.72
N SER A 230 -37.20 -4.71 -7.08
CA SER A 230 -38.49 -4.77 -7.78
C SER A 230 -38.57 -3.71 -8.87
N SER A 231 -37.88 -2.59 -8.71
CA SER A 231 -37.82 -1.59 -9.76
C SER A 231 -36.88 -1.97 -10.90
N GLY A 232 -36.05 -3.00 -10.71
CA GLY A 232 -35.16 -3.46 -11.74
C GLY A 232 -33.73 -2.94 -11.66
N VAL A 233 -33.38 -2.22 -10.59
CA VAL A 233 -32.05 -1.69 -10.44
C VAL A 233 -31.22 -2.64 -9.59
N LEU A 234 -29.91 -2.45 -9.63
CA LEU A 234 -29.00 -3.30 -8.87
C LEU A 234 -29.25 -3.20 -7.38
N LEU A 235 -29.23 -4.34 -6.70
CA LEU A 235 -29.30 -4.40 -5.25
C LEU A 235 -27.88 -4.55 -4.71
N LEU A 236 -27.38 -3.51 -4.04
CA LEU A 236 -26.07 -3.51 -3.41
C LEU A 236 -26.25 -3.15 -1.94
N ASP A 237 -26.21 -4.16 -1.05
CA ASP A 237 -26.61 -3.93 0.33
C ASP A 237 -25.47 -4.05 1.33
N ASN A 238 -24.22 -3.92 0.88
CA ASN A 238 -23.09 -3.95 1.79
C ASN A 238 -21.97 -3.16 1.14
N TYR A 239 -21.02 -2.70 1.98
CA TYR A 239 -19.96 -1.84 1.48
C TYR A 239 -19.17 -2.52 0.38
N SER A 240 -18.80 -3.79 0.59
CA SER A 240 -17.96 -4.52 -0.35
C SER A 240 -18.56 -4.50 -1.76
N ASP A 241 -19.85 -4.79 -1.88
CA ASP A 241 -20.47 -4.78 -3.21
C ASP A 241 -20.58 -3.36 -3.75
N ARG A 242 -20.92 -2.39 -2.89
CA ARG A 242 -21.08 -1.02 -3.36
C ARG A 242 -19.75 -0.47 -3.86
N ILE A 243 -18.68 -0.64 -3.08
CA ILE A 243 -17.40 -0.08 -3.50
C ILE A 243 -16.86 -0.83 -4.71
N GLN A 244 -17.16 -2.13 -4.81
CA GLN A 244 -16.69 -2.87 -5.97
C GLN A 244 -17.29 -2.31 -7.26
N VAL A 245 -18.58 -1.99 -7.24
CA VAL A 245 -19.20 -1.39 -8.43
C VAL A 245 -18.55 -0.05 -8.75
N LEU A 246 -18.34 0.80 -7.74
CA LEU A 246 -17.74 2.10 -8.00
C LEU A 246 -16.30 1.96 -8.49
N GLN A 247 -15.55 1.00 -7.93
CA GLN A 247 -14.20 0.73 -8.40
C GLN A 247 -14.20 0.34 -9.88
N ASN A 248 -15.06 -0.60 -10.25
CA ASN A 248 -15.07 -1.01 -11.65
C ASN A 248 -15.63 0.07 -12.54
N MET A 249 -16.54 0.90 -12.03
CA MET A 249 -17.09 1.99 -12.84
C MET A 249 -15.98 2.97 -13.23
N VAL A 250 -15.19 3.41 -12.26
CA VAL A 250 -14.12 4.36 -12.56
C VAL A 250 -13.02 3.69 -13.39
N HIS A 251 -12.76 2.39 -13.15
CA HIS A 251 -11.81 1.65 -13.97
C HIS A 251 -12.28 1.57 -15.43
N CYS A 252 -13.59 1.33 -15.63
CA CYS A 252 -14.16 1.36 -16.98
C CYS A 252 -13.98 2.74 -17.62
N ALA A 253 -14.26 3.81 -16.87
CA ALA A 253 -14.07 5.16 -17.39
C ALA A 253 -12.62 5.42 -17.75
N ASP A 254 -11.70 4.96 -16.91
CA ASP A 254 -10.27 5.09 -17.18
C ASP A 254 -9.87 4.36 -18.46
N LEU A 255 -10.51 3.22 -18.74
CA LEU A 255 -10.26 2.42 -19.93
C LEU A 255 -11.32 2.60 -20.99
N SER A 256 -11.89 3.80 -21.11
CA SER A 256 -13.02 4.01 -22.00
C SER A 256 -12.63 4.54 -23.38
N ASN A 257 -11.36 4.86 -23.63
CA ASN A 257 -11.02 5.49 -24.92
C ASN A 257 -11.49 4.68 -26.11
N PRO A 258 -11.29 3.35 -26.17
CA PRO A 258 -11.70 2.61 -27.38
C PRO A 258 -13.21 2.48 -27.51
N THR A 259 -13.98 2.89 -26.50
CA THR A 259 -15.44 2.86 -26.58
C THR A 259 -16.01 4.18 -27.09
N LYS A 260 -15.18 5.16 -27.33
CA LYS A 260 -15.62 6.48 -27.77
C LYS A 260 -15.71 6.55 -29.28
N PRO A 261 -16.47 7.51 -29.82
CA PRO A 261 -16.41 7.77 -31.27
C PRO A 261 -14.98 7.81 -31.80
N LEU A 262 -14.79 7.28 -33.01
CA LEU A 262 -13.45 6.99 -33.50
C LEU A 262 -12.57 8.23 -33.56
N GLN A 263 -13.13 9.42 -33.85
CA GLN A 263 -12.25 10.58 -33.92
C GLN A 263 -11.68 10.94 -32.55
N LEU A 264 -12.40 10.60 -31.48
CA LEU A 264 -11.85 10.78 -30.14
C LEU A 264 -10.84 9.69 -29.81
N TYR A 265 -11.22 8.44 -30.08
CA TYR A 265 -10.35 7.29 -29.80
C TYR A 265 -8.99 7.46 -30.49
N ARG A 266 -8.98 7.86 -31.76
CA ARG A 266 -7.69 7.99 -32.46
C ARG A 266 -6.81 9.06 -31.84
N GLN A 267 -7.39 10.15 -31.35
CA GLN A 267 -6.58 11.16 -30.67
C GLN A 267 -6.00 10.63 -29.37
N TRP A 268 -6.78 9.87 -28.59
CA TRP A 268 -6.23 9.22 -27.40
C TRP A 268 -5.10 8.25 -27.75
N THR A 269 -5.25 7.50 -28.83
CA THR A 269 -4.19 6.57 -29.23
C THR A 269 -2.92 7.32 -29.62
N ASP A 270 -3.07 8.40 -30.40
CA ASP A 270 -1.91 9.23 -30.72
C ASP A 270 -1.20 9.68 -29.46
N ARG A 271 -1.97 10.10 -28.45
CA ARG A 271 -1.37 10.63 -27.22
C ARG A 271 -0.69 9.54 -26.39
N ILE A 272 -1.34 8.38 -26.20
CA ILE A 272 -0.69 7.34 -25.39
C ILE A 272 0.56 6.83 -26.09
N MET A 273 0.56 6.76 -27.43
CA MET A 273 1.76 6.29 -28.12
C MET A 273 2.90 7.29 -27.99
N GLU A 274 2.61 8.59 -28.05
CA GLU A 274 3.66 9.58 -27.80
C GLU A 274 4.24 9.41 -26.40
N GLU A 275 3.39 9.25 -25.41
CA GLU A 275 3.88 9.08 -24.05
C GLU A 275 4.71 7.81 -23.91
N PHE A 276 4.22 6.70 -24.47
CA PHE A 276 4.94 5.43 -24.45
C PHE A 276 6.29 5.55 -25.14
N PHE A 277 6.31 6.19 -26.32
CA PHE A 277 7.57 6.32 -27.06
C PHE A 277 8.59 7.13 -26.28
N ARG A 278 8.16 8.20 -25.61
CA ARG A 278 9.08 8.99 -24.79
C ARG A 278 9.64 8.16 -23.64
N GLN A 279 8.83 7.29 -23.03
CA GLN A 279 9.38 6.40 -22.01
C GLN A 279 10.36 5.42 -22.61
N GLY A 280 10.02 4.84 -23.77
CA GLY A 280 10.92 3.89 -24.40
C GLY A 280 12.24 4.51 -24.81
N ASP A 281 12.22 5.81 -25.15
CA ASP A 281 13.46 6.51 -25.45
C ASP A 281 14.36 6.55 -24.22
N ARG A 282 13.77 6.73 -23.03
CA ARG A 282 14.55 6.75 -21.80
C ARG A 282 15.07 5.36 -21.45
N GLU A 283 14.25 4.33 -21.65
CA GLU A 283 14.71 2.97 -21.39
C GLU A 283 15.84 2.58 -22.34
N ARG A 284 15.71 2.94 -23.63
CA ARG A 284 16.74 2.61 -24.59
C ARG A 284 18.05 3.31 -24.23
N GLU A 285 17.98 4.59 -23.88
CA GLU A 285 19.14 5.33 -23.37
C GLU A 285 19.86 4.55 -22.28
N ARG A 286 19.13 4.14 -21.26
CA ARG A 286 19.70 3.52 -20.07
C ARG A 286 20.12 2.07 -20.27
N GLY A 287 20.08 1.55 -21.50
CA GLY A 287 20.37 0.14 -21.69
C GLY A 287 19.31 -0.80 -21.16
N MET A 288 18.15 -0.27 -20.75
CA MET A 288 17.10 -1.16 -20.27
C MET A 288 16.38 -1.82 -21.43
N GLU A 289 15.79 -2.97 -21.14
CA GLU A 289 14.85 -3.55 -22.09
C GLU A 289 13.66 -2.60 -22.26
N ILE A 290 13.29 -2.32 -23.51
CA ILE A 290 12.21 -1.38 -23.77
C ILE A 290 10.88 -2.04 -23.44
N SER A 291 10.01 -1.31 -22.73
CA SER A 291 8.73 -1.85 -22.33
C SER A 291 7.88 -2.15 -23.55
N PRO A 292 6.91 -3.07 -23.43
CA PRO A 292 6.01 -3.35 -24.56
C PRO A 292 5.35 -2.08 -25.05
N MET A 293 5.29 -1.92 -26.37
CA MET A 293 4.66 -0.81 -27.08
C MET A 293 5.42 0.51 -26.94
N CYS A 294 6.61 0.51 -26.38
CA CYS A 294 7.33 1.75 -26.15
C CYS A 294 8.48 1.98 -27.13
N ASP A 295 8.68 1.10 -28.11
CA ASP A 295 9.80 1.21 -29.04
C ASP A 295 9.31 1.82 -30.35
N LYS A 296 9.62 3.11 -30.55
CA LYS A 296 9.21 3.82 -31.76
C LYS A 296 9.91 3.32 -33.01
N HIS A 297 10.81 2.34 -32.90
CA HIS A 297 11.45 1.73 -34.05
C HIS A 297 10.91 0.33 -34.35
N ASN A 298 10.20 -0.28 -33.40
CA ASN A 298 9.62 -1.59 -33.57
C ASN A 298 8.22 -1.55 -32.96
N ALA A 299 7.40 -0.61 -33.46
CA ALA A 299 6.05 -0.40 -32.97
C ALA A 299 5.04 -0.91 -33.99
N SER A 300 3.94 -1.48 -33.50
CA SER A 300 2.75 -1.69 -34.32
C SER A 300 1.57 -1.12 -33.55
N VAL A 301 1.25 0.14 -33.83
CA VAL A 301 0.20 0.83 -33.09
C VAL A 301 -1.15 0.14 -33.28
N GLU A 302 -1.46 -0.26 -34.52
CA GLU A 302 -2.76 -0.85 -34.79
C GLU A 302 -2.89 -2.23 -34.14
N LYS A 303 -1.86 -3.06 -34.24
CA LYS A 303 -1.90 -4.36 -33.58
C LYS A 303 -2.00 -4.21 -32.07
N SER A 304 -1.32 -3.19 -31.52
CA SER A 304 -1.38 -2.98 -30.08
C SER A 304 -2.78 -2.56 -29.63
N GLN A 305 -3.47 -1.75 -30.44
CA GLN A 305 -4.84 -1.42 -30.07
C GLN A 305 -5.75 -2.64 -30.12
N VAL A 306 -5.60 -3.49 -31.14
CA VAL A 306 -6.47 -4.67 -31.22
C VAL A 306 -6.19 -5.59 -30.04
N GLY A 307 -4.91 -5.78 -29.69
CA GLY A 307 -4.59 -6.59 -28.52
C GLY A 307 -5.11 -6.00 -27.21
N PHE A 308 -4.94 -4.69 -27.03
CA PHE A 308 -5.47 -3.98 -25.87
C PHE A 308 -6.97 -4.21 -25.72
N ILE A 309 -7.71 -4.06 -26.82
CA ILE A 309 -9.15 -4.25 -26.78
C ILE A 309 -9.49 -5.72 -26.49
N ASP A 310 -8.82 -6.63 -27.19
CA ASP A 310 -9.18 -8.04 -27.09
C ASP A 310 -8.89 -8.62 -25.71
N TYR A 311 -7.80 -8.21 -25.08
CA TYR A 311 -7.42 -8.83 -23.82
C TYR A 311 -7.76 -8.02 -22.58
N ILE A 312 -8.03 -6.72 -22.70
N ILE A 312 -8.02 -6.72 -22.71
CA ILE A 312 -8.28 -5.89 -21.53
CA ILE A 312 -8.29 -5.89 -21.53
C ILE A 312 -9.63 -5.18 -21.64
C ILE A 312 -9.64 -5.19 -21.65
N VAL A 313 -9.80 -4.36 -22.69
CA VAL A 313 -10.90 -3.42 -22.70
C VAL A 313 -12.23 -4.09 -22.99
N HIS A 314 -12.27 -4.97 -23.97
CA HIS A 314 -13.55 -5.64 -24.25
C HIS A 314 -13.95 -6.63 -23.15
N PRO A 315 -13.03 -7.45 -22.61
CA PRO A 315 -13.41 -8.27 -21.45
C PRO A 315 -14.01 -7.46 -20.32
N LEU A 316 -13.43 -6.29 -20.02
CA LEU A 316 -13.99 -5.44 -18.98
C LEU A 316 -15.34 -4.88 -19.38
N TRP A 317 -15.43 -4.27 -20.57
CA TRP A 317 -16.65 -3.57 -20.92
C TRP A 317 -17.79 -4.53 -21.21
N GLU A 318 -17.49 -5.73 -21.70
CA GLU A 318 -18.53 -6.73 -21.88
C GLU A 318 -19.12 -7.15 -20.54
N THR A 319 -18.28 -7.20 -19.50
CA THR A 319 -18.76 -7.56 -18.18
C THR A 319 -19.56 -6.41 -17.55
N TRP A 320 -19.08 -5.16 -17.71
CA TRP A 320 -19.88 -4.04 -17.23
C TRP A 320 -21.21 -3.98 -17.96
N ALA A 321 -21.20 -4.22 -19.27
CA ALA A 321 -22.45 -4.20 -20.02
C ALA A 321 -23.39 -5.28 -19.50
N ASP A 322 -22.84 -6.44 -19.13
CA ASP A 322 -23.65 -7.50 -18.53
C ASP A 322 -24.25 -7.06 -17.21
N LEU A 323 -23.47 -6.35 -16.38
CA LEU A 323 -23.97 -5.90 -15.08
C LEU A 323 -25.16 -4.96 -15.22
N VAL A 324 -25.11 -4.04 -16.18
CA VAL A 324 -26.15 -3.02 -16.34
C VAL A 324 -27.03 -3.31 -17.56
N HIS A 325 -27.02 -4.55 -18.04
CA HIS A 325 -27.70 -4.93 -19.27
C HIS A 325 -29.15 -4.45 -19.26
N PRO A 326 -29.64 -3.80 -20.34
CA PRO A 326 -28.88 -3.55 -21.58
C PRO A 326 -28.36 -2.11 -21.73
N ASP A 327 -28.16 -1.43 -20.59
CA ASP A 327 -27.93 0.02 -20.60
C ASP A 327 -26.75 0.43 -21.48
N ALA A 328 -25.70 -0.38 -21.52
CA ALA A 328 -24.46 0.02 -22.17
C ALA A 328 -24.27 -0.63 -23.53
N GLN A 329 -25.36 -1.07 -24.17
CA GLN A 329 -25.22 -1.80 -25.42
C GLN A 329 -24.61 -0.95 -26.52
N ASP A 330 -24.97 0.34 -26.58
CA ASP A 330 -24.44 1.22 -27.61
C ASP A 330 -22.95 1.49 -27.41
N ILE A 331 -22.52 1.62 -26.15
CA ILE A 331 -21.10 1.79 -25.87
C ILE A 331 -20.34 0.55 -26.31
N LEU A 332 -20.88 -0.64 -25.98
CA LEU A 332 -20.22 -1.88 -26.37
C LEU A 332 -20.19 -2.03 -27.89
N ASP A 333 -21.27 -1.61 -28.56
CA ASP A 333 -21.30 -1.66 -30.02
C ASP A 333 -20.22 -0.77 -30.62
N THR A 334 -20.01 0.42 -30.03
CA THR A 334 -18.96 1.30 -30.55
C THR A 334 -17.58 0.68 -30.36
N LEU A 335 -17.32 0.13 -29.17
CA LEU A 335 -16.07 -0.57 -28.92
C LEU A 335 -15.82 -1.63 -29.99
N GLU A 336 -16.85 -2.42 -30.28
CA GLU A 336 -16.66 -3.50 -31.24
C GLU A 336 -16.43 -2.96 -32.64
N ASP A 337 -17.11 -1.86 -33.00
CA ASP A 337 -16.85 -1.24 -34.30
C ASP A 337 -15.43 -0.70 -34.39
N ASN A 338 -14.94 -0.08 -33.31
CA ASN A 338 -13.59 0.48 -33.33
C ASN A 338 -12.54 -0.62 -33.39
N ARG A 339 -12.80 -1.76 -32.74
CA ARG A 339 -11.90 -2.89 -32.85
C ARG A 339 -11.83 -3.37 -34.30
N GLU A 340 -12.99 -3.53 -34.94
CA GLU A 340 -13.00 -3.92 -36.35
C GLU A 340 -12.25 -2.91 -37.21
N TRP A 341 -12.43 -1.61 -36.95
CA TRP A 341 -11.74 -0.61 -37.75
C TRP A 341 -10.22 -0.74 -37.61
N TYR A 342 -9.72 -0.81 -36.37
CA TYR A 342 -8.28 -0.93 -36.21
C TYR A 342 -7.76 -2.22 -36.81
N GLN A 343 -8.50 -3.32 -36.63
CA GLN A 343 -8.10 -4.59 -37.23
C GLN A 343 -8.02 -4.47 -38.76
N SER A 344 -8.93 -3.71 -39.36
CA SER A 344 -8.94 -3.60 -40.82
C SER A 344 -7.73 -2.86 -41.37
N THR A 345 -7.03 -2.09 -40.53
CA THR A 345 -5.87 -1.35 -40.96
C THR A 345 -4.58 -2.16 -40.87
N ILE A 346 -4.66 -3.44 -40.52
CA ILE A 346 -3.47 -4.28 -40.43
C ILE A 346 -3.21 -4.98 -41.77
N PRO A 347 -4.18 -5.72 -42.36
CA PRO A 347 -3.79 -6.47 -43.57
C PRO A 347 -3.61 -5.59 -44.80
N GLU B 25 34.61 -3.42 27.70
CA GLU B 25 34.42 -3.91 26.34
C GLU B 25 34.55 -5.42 26.29
N ASP B 26 35.23 -5.99 27.29
CA ASP B 26 35.35 -7.44 27.38
C ASP B 26 34.08 -8.08 27.93
N VAL B 27 33.38 -7.39 28.83
CA VAL B 27 32.11 -7.89 29.30
C VAL B 27 31.07 -7.83 28.18
N LEU B 28 31.15 -6.79 27.32
CA LEU B 28 30.29 -6.73 26.14
C LEU B 28 30.49 -7.96 25.27
N ALA B 29 31.74 -8.31 24.98
CA ALA B 29 32.01 -9.53 24.20
C ALA B 29 31.51 -10.76 24.93
N LYS B 30 31.55 -10.76 26.26
CA LYS B 30 31.04 -11.90 27.01
C LYS B 30 29.53 -12.04 26.84
N GLU B 31 28.79 -10.93 26.91
CA GLU B 31 27.35 -10.97 26.73
C GLU B 31 27.00 -11.45 25.32
N LEU B 32 27.78 -11.05 24.32
CA LEU B 32 27.47 -11.39 22.94
C LEU B 32 27.69 -12.86 22.61
N GLU B 33 28.29 -13.62 23.52
CA GLU B 33 28.42 -15.07 23.30
C GLU B 33 27.09 -15.79 23.43
N ASP B 34 26.06 -15.12 23.94
CA ASP B 34 24.71 -15.69 24.01
C ASP B 34 23.86 -15.31 22.81
N VAL B 35 24.47 -14.76 21.77
CA VAL B 35 23.74 -14.26 20.60
C VAL B 35 22.87 -15.34 19.97
N ASN B 36 23.20 -16.63 20.15
CA ASN B 36 22.38 -17.70 19.61
C ASN B 36 21.33 -18.20 20.58
N LYS B 37 21.14 -17.53 21.71
CA LYS B 37 20.26 -18.01 22.77
C LYS B 37 19.07 -17.08 22.96
N TRP B 38 17.90 -17.69 23.15
CA TRP B 38 16.72 -16.97 23.63
C TRP B 38 16.99 -16.42 25.02
N GLY B 39 16.76 -15.14 25.21
CA GLY B 39 17.00 -14.50 26.48
C GLY B 39 18.30 -13.73 26.59
N LEU B 40 18.93 -13.39 25.47
CA LEU B 40 20.10 -12.54 25.47
C LEU B 40 19.86 -11.29 26.32
N HIS B 41 20.91 -10.86 27.03
CA HIS B 41 20.81 -9.69 27.92
C HIS B 41 20.92 -8.41 27.10
N VAL B 42 19.85 -8.14 26.34
CA VAL B 42 19.90 -7.07 25.35
C VAL B 42 20.00 -5.70 26.01
N PHE B 43 19.41 -5.52 27.19
CA PHE B 43 19.52 -4.24 27.86
C PHE B 43 20.94 -4.01 28.37
N ARG B 44 21.58 -5.07 28.89
CA ARG B 44 22.97 -4.98 29.29
C ARG B 44 23.87 -4.65 28.09
N ILE B 45 23.60 -5.30 26.95
CA ILE B 45 24.38 -5.03 25.75
C ILE B 45 24.16 -3.60 25.28
N ALA B 46 22.93 -3.08 25.40
CA ALA B 46 22.68 -1.70 25.02
C ALA B 46 23.50 -0.74 25.88
N GLU B 47 23.61 -1.02 27.18
CA GLU B 47 24.38 -0.14 28.05
C GLU B 47 25.88 -0.29 27.79
N LEU B 48 26.35 -1.53 27.70
CA LEU B 48 27.79 -1.77 27.52
C LEU B 48 28.30 -1.26 26.18
N SER B 49 27.44 -1.20 25.16
CA SER B 49 27.83 -0.78 23.83
C SER B 49 27.71 0.73 23.60
N GLY B 50 27.30 1.49 24.63
CA GLY B 50 27.11 2.92 24.46
C GLY B 50 25.88 3.25 23.64
N ASN B 51 24.78 2.56 23.93
CA ASN B 51 23.52 2.66 23.20
C ASN B 51 23.69 2.30 21.72
N ARG B 52 24.47 1.27 21.45
CA ARG B 52 24.56 0.77 20.09
C ARG B 52 24.20 -0.72 19.99
N PRO B 53 23.13 -1.20 20.62
CA PRO B 53 22.84 -2.63 20.56
C PRO B 53 22.50 -3.12 19.16
N LEU B 54 21.81 -2.31 18.36
CA LEU B 54 21.46 -2.74 17.01
C LEU B 54 22.72 -2.97 16.19
N THR B 55 23.66 -2.03 16.26
CA THR B 55 24.90 -2.16 15.49
C THR B 55 25.70 -3.38 15.92
N VAL B 56 25.93 -3.54 17.22
CA VAL B 56 26.83 -4.61 17.65
C VAL B 56 26.15 -5.98 17.52
N ILE B 57 24.83 -6.06 17.67
CA ILE B 57 24.17 -7.35 17.56
C ILE B 57 24.03 -7.76 16.08
N MET B 58 23.69 -6.81 15.21
CA MET B 58 23.67 -7.08 13.78
C MET B 58 25.05 -7.50 13.28
N HIS B 59 26.08 -6.76 13.68
CA HIS B 59 27.45 -7.11 13.28
C HIS B 59 27.81 -8.52 13.74
N THR B 60 27.49 -8.85 14.99
CA THR B 60 27.75 -10.19 15.50
C THR B 60 27.01 -11.25 14.71
N ILE B 61 25.73 -11.01 14.38
CA ILE B 61 24.96 -12.02 13.67
C ILE B 61 25.46 -12.18 12.24
N PHE B 62 25.89 -11.08 11.62
CA PHE B 62 26.41 -11.17 10.26
C PHE B 62 27.72 -11.94 10.21
N GLN B 63 28.59 -11.75 11.21
CA GLN B 63 29.81 -12.54 11.29
C GLN B 63 29.49 -14.01 11.56
N GLU B 64 28.60 -14.26 12.51
CA GLU B 64 28.27 -15.63 12.90
C GLU B 64 27.65 -16.42 11.76
N ARG B 65 26.91 -15.75 10.88
CA ARG B 65 26.33 -16.41 9.71
C ARG B 65 27.19 -16.23 8.47
N ASP B 66 28.36 -15.60 8.61
CA ASP B 66 29.29 -15.33 7.52
C ASP B 66 28.60 -14.64 6.35
N LEU B 67 27.63 -13.77 6.67
CA LEU B 67 26.90 -13.06 5.63
C LEU B 67 27.76 -12.04 4.92
N LEU B 68 28.83 -11.53 5.56
CA LEU B 68 29.70 -10.57 4.89
C LEU B 68 30.47 -11.22 3.76
N LYS B 69 31.03 -12.42 3.99
CA LYS B 69 31.76 -13.10 2.94
C LYS B 69 30.81 -13.62 1.87
N THR B 70 29.66 -14.15 2.28
CA THR B 70 28.69 -14.69 1.31
C THR B 70 28.22 -13.61 0.34
N PHE B 71 28.07 -12.37 0.81
CA PHE B 71 27.50 -11.30 0.00
C PHE B 71 28.47 -10.16 -0.24
N LYS B 72 29.77 -10.35 0.03
CA LYS B 72 30.82 -9.37 -0.29
C LYS B 72 30.47 -7.99 0.25
N ILE B 73 30.05 -7.94 1.51
CA ILE B 73 29.72 -6.70 2.18
C ILE B 73 30.98 -6.17 2.85
N PRO B 74 31.50 -5.01 2.45
CA PRO B 74 32.65 -4.43 3.16
C PRO B 74 32.28 -4.11 4.60
N VAL B 75 33.13 -4.55 5.54
CA VAL B 75 32.79 -4.39 6.96
C VAL B 75 32.61 -2.92 7.31
N ASP B 76 33.38 -2.02 6.69
CA ASP B 76 33.21 -0.61 6.95
C ASP B 76 31.85 -0.11 6.47
N THR B 77 31.37 -0.64 5.34
CA THR B 77 30.06 -0.25 4.84
C THR B 77 28.95 -0.75 5.75
N LEU B 78 29.07 -1.98 6.24
CA LEU B 78 28.07 -2.54 7.15
C LEU B 78 27.97 -1.70 8.41
N ILE B 79 29.10 -1.40 9.05
CA ILE B 79 29.08 -0.63 10.29
C ILE B 79 28.52 0.77 10.04
N THR B 80 28.92 1.38 8.93
CA THR B 80 28.44 2.72 8.60
C THR B 80 26.92 2.72 8.43
N TYR B 81 26.39 1.74 7.69
CA TYR B 81 24.95 1.67 7.52
C TYR B 81 24.25 1.40 8.86
N LEU B 82 24.79 0.47 9.64
CA LEU B 82 24.15 0.09 10.90
C LEU B 82 24.09 1.27 11.87
N MET B 83 25.14 2.07 11.92
CA MET B 83 25.13 3.24 12.80
C MET B 83 24.14 4.28 12.32
N THR B 84 24.05 4.49 10.99
CA THR B 84 23.08 5.44 10.46
C THR B 84 21.65 4.97 10.72
N LEU B 85 21.39 3.68 10.46
CA LEU B 85 20.08 3.10 10.75
C LEU B 85 19.73 3.26 12.22
N GLU B 86 20.65 2.86 13.10
CA GLU B 86 20.43 2.98 14.54
C GLU B 86 20.14 4.43 14.92
N ASP B 87 20.87 5.39 14.31
CA ASP B 87 20.63 6.81 14.56
C ASP B 87 19.21 7.24 14.24
N HIS B 88 18.50 6.52 13.38
CA HIS B 88 17.17 6.92 12.97
C HIS B 88 16.07 6.26 13.80
N TYR B 89 16.43 5.42 14.77
CA TYR B 89 15.52 5.08 15.86
C TYR B 89 15.57 6.17 16.91
N HIS B 90 14.41 6.53 17.46
CA HIS B 90 14.31 7.66 18.37
C HIS B 90 14.75 7.27 19.78
N ALA B 91 15.68 8.04 20.34
CA ALA B 91 16.15 7.73 21.68
C ALA B 91 15.15 8.13 22.76
N ASP B 92 14.20 9.02 22.45
CA ASP B 92 13.20 9.44 23.42
C ASP B 92 11.88 8.67 23.28
N VAL B 93 11.89 7.54 22.58
CA VAL B 93 10.72 6.68 22.47
C VAL B 93 11.00 5.44 23.32
N ALA B 94 10.13 5.18 24.29
CA ALA B 94 10.44 4.22 25.36
C ALA B 94 10.51 2.79 24.86
N TYR B 95 9.67 2.41 23.89
CA TYR B 95 9.64 1.02 23.43
C TYR B 95 10.16 0.85 22.01
N HIS B 96 9.60 1.57 21.04
CA HIS B 96 9.95 1.38 19.62
C HIS B 96 11.24 2.13 19.29
N ASN B 97 12.34 1.63 19.86
CA ASN B 97 13.64 2.25 19.68
C ASN B 97 14.65 1.22 19.20
N ASN B 98 15.94 1.58 19.24
CA ASN B 98 16.99 0.69 18.73
C ASN B 98 17.15 -0.58 19.56
N ILE B 99 16.79 -0.55 20.85
CA ILE B 99 16.88 -1.77 21.64
C ILE B 99 15.83 -2.77 21.20
N HIS B 100 14.61 -2.29 20.93
CA HIS B 100 13.59 -3.19 20.38
C HIS B 100 14.01 -3.74 19.02
N ALA B 101 14.58 -2.89 18.16
CA ALA B 101 15.04 -3.37 16.86
C ALA B 101 16.09 -4.47 17.03
N ALA B 102 17.08 -4.23 17.90
CA ALA B 102 18.11 -5.25 18.14
C ALA B 102 17.51 -6.52 18.68
N ASP B 103 16.53 -6.40 19.58
CA ASP B 103 15.85 -7.56 20.13
C ASP B 103 15.13 -8.37 19.07
N VAL B 104 14.45 -7.71 18.12
CA VAL B 104 13.72 -8.44 17.09
C VAL B 104 14.70 -9.12 16.13
N VAL B 105 15.78 -8.42 15.77
CA VAL B 105 16.87 -9.00 14.96
C VAL B 105 17.37 -10.29 15.60
N GLN B 106 17.77 -10.20 16.87
CA GLN B 106 18.38 -11.35 17.51
C GLN B 106 17.37 -12.47 17.68
N SER B 107 16.11 -12.12 17.96
CA SER B 107 15.08 -13.14 18.07
C SER B 107 14.83 -13.83 16.75
N THR B 108 14.73 -13.07 15.65
CA THR B 108 14.63 -13.66 14.33
C THR B 108 15.82 -14.58 14.05
N HIS B 109 17.02 -14.12 14.37
CA HIS B 109 18.23 -14.93 14.21
C HIS B 109 18.08 -16.29 14.89
N VAL B 110 17.52 -16.33 16.10
CA VAL B 110 17.36 -17.61 16.77
C VAL B 110 16.29 -18.46 16.09
N LEU B 111 15.17 -17.86 15.71
CA LEU B 111 14.08 -18.62 15.10
C LEU B 111 14.49 -19.20 13.74
N LEU B 112 15.39 -18.52 13.05
CA LEU B 112 15.89 -19.02 11.77
C LEU B 112 16.65 -20.32 11.93
N SER B 113 17.21 -20.57 13.12
CA SER B 113 18.00 -21.76 13.38
C SER B 113 17.19 -22.89 14.01
N THR B 114 15.86 -22.74 14.10
CA THR B 114 14.96 -23.80 14.51
C THR B 114 15.29 -25.08 13.73
N PRO B 115 15.57 -26.21 14.42
CA PRO B 115 15.90 -27.43 13.66
C PRO B 115 14.84 -27.85 12.66
N ALA B 116 13.55 -27.70 12.99
CA ALA B 116 12.48 -28.06 12.07
C ALA B 116 12.46 -27.20 10.80
N LEU B 117 13.26 -26.13 10.76
CA LEU B 117 13.35 -25.26 9.59
C LEU B 117 14.66 -25.43 8.86
N GLU B 118 15.47 -26.42 9.24
CA GLU B 118 16.70 -26.69 8.52
C GLU B 118 16.39 -26.94 7.05
N ALA B 119 17.23 -26.41 6.17
CA ALA B 119 17.15 -26.58 4.72
C ALA B 119 15.95 -25.89 4.08
N VAL B 120 15.23 -25.04 4.80
CA VAL B 120 14.04 -24.43 4.22
C VAL B 120 14.38 -23.14 3.48
N PHE B 121 15.20 -22.29 4.06
CA PHE B 121 15.39 -20.92 3.56
C PHE B 121 16.75 -20.75 2.93
N THR B 122 16.78 -20.13 1.75
CA THR B 122 18.02 -19.80 1.07
C THR B 122 18.80 -18.75 1.85
N ASP B 123 20.05 -18.55 1.43
CA ASP B 123 20.88 -17.51 2.04
C ASP B 123 20.29 -16.12 1.83
N LEU B 124 19.64 -15.88 0.69
CA LEU B 124 19.07 -14.56 0.45
C LEU B 124 17.83 -14.35 1.32
N GLU B 125 17.04 -15.40 1.53
CA GLU B 125 15.89 -15.32 2.42
C GLU B 125 16.32 -15.04 3.85
N ILE B 126 17.44 -15.62 4.28
CA ILE B 126 17.96 -15.39 5.62
C ILE B 126 18.42 -13.95 5.77
N LEU B 127 19.14 -13.42 4.77
CA LEU B 127 19.54 -12.02 4.80
C LEU B 127 18.32 -11.10 4.80
N ALA B 128 17.29 -11.45 4.03
CA ALA B 128 16.10 -10.62 3.96
C ALA B 128 15.41 -10.54 5.33
N ALA B 129 15.25 -11.70 5.99
CA ALA B 129 14.56 -11.73 7.29
C ALA B 129 15.32 -10.93 8.33
N ILE B 130 16.64 -11.00 8.32
CA ILE B 130 17.43 -10.30 9.33
C ILE B 130 17.47 -8.81 9.04
N PHE B 131 17.67 -8.44 7.77
CA PHE B 131 17.62 -7.03 7.41
C PHE B 131 16.25 -6.43 7.70
N ALA B 132 15.19 -7.14 7.34
CA ALA B 132 13.83 -6.66 7.62
C ALA B 132 13.64 -6.41 9.10
N SER B 133 14.09 -7.34 9.95
CA SER B 133 14.00 -7.17 11.39
C SER B 133 14.69 -5.90 11.85
N ALA B 134 15.86 -5.60 11.27
CA ALA B 134 16.64 -4.46 11.73
C ALA B 134 15.96 -3.14 11.40
N ILE B 135 15.30 -3.06 10.25
CA ILE B 135 14.68 -1.80 9.84
C ILE B 135 13.20 -1.72 10.21
N HIS B 136 12.62 -2.76 10.81
CA HIS B 136 11.16 -2.91 10.77
C HIS B 136 10.42 -1.82 11.57
N ASP B 137 11.09 -1.09 12.47
CA ASP B 137 10.42 0.00 13.17
C ASP B 137 11.18 1.32 13.08
N VAL B 138 12.06 1.49 12.09
CA VAL B 138 12.96 2.65 12.11
C VAL B 138 12.17 3.95 11.95
N ASP B 139 12.58 4.98 12.70
CA ASP B 139 11.92 6.29 12.70
C ASP B 139 10.51 6.23 13.28
N HIS B 140 10.24 5.26 14.14
CA HIS B 140 8.95 5.16 14.80
C HIS B 140 8.76 6.37 15.71
N PRO B 141 7.63 7.08 15.60
CA PRO B 141 7.39 8.25 16.47
C PRO B 141 6.80 7.92 17.84
N GLY B 142 6.54 6.65 18.14
CA GLY B 142 6.00 6.29 19.43
C GLY B 142 4.51 6.47 19.56
N VAL B 143 3.80 6.63 18.44
CA VAL B 143 2.35 6.65 18.40
C VAL B 143 1.87 5.67 17.34
N SER B 144 0.62 5.26 17.47
CA SER B 144 0.07 4.18 16.65
C SER B 144 -0.40 4.70 15.29
N ASN B 145 -0.63 3.75 14.38
CA ASN B 145 -1.22 4.09 13.08
C ASN B 145 -2.53 4.83 13.25
N GLN B 146 -3.39 4.35 14.17
CA GLN B 146 -4.70 4.98 14.36
C GLN B 146 -4.55 6.42 14.85
N PHE B 147 -3.59 6.67 15.74
CA PHE B 147 -3.31 8.03 16.15
C PHE B 147 -2.88 8.88 14.96
N LEU B 148 -2.02 8.33 14.11
CA LEU B 148 -1.53 9.08 12.96
C LEU B 148 -2.66 9.39 11.98
N ILE B 149 -3.58 8.44 11.80
CA ILE B 149 -4.74 8.66 10.94
C ILE B 149 -5.66 9.72 11.56
N ASN B 150 -5.94 9.60 12.86
CA ASN B 150 -6.92 10.48 13.51
C ASN B 150 -6.44 11.90 13.69
N THR B 151 -5.13 12.12 13.72
CA THR B 151 -4.59 13.46 13.82
C THR B 151 -4.27 14.06 12.45
N ASN B 152 -4.72 13.40 11.38
CA ASN B 152 -4.49 13.86 10.01
C ASN B 152 -3.01 14.18 9.77
N SER B 153 -2.15 13.27 10.23
CA SER B 153 -0.72 13.45 10.14
C SER B 153 -0.25 13.44 8.68
N GLU B 154 0.94 14.00 8.46
CA GLU B 154 1.53 13.95 7.12
C GLU B 154 1.82 12.52 6.71
N LEU B 155 2.22 11.67 7.65
CA LEU B 155 2.46 10.27 7.34
C LEU B 155 1.20 9.57 6.83
N ALA B 156 0.06 9.79 7.49
CA ALA B 156 -1.17 9.14 7.06
C ALA B 156 -1.64 9.69 5.73
N LEU B 157 -1.36 10.96 5.47
CA LEU B 157 -1.70 11.57 4.18
C LEU B 157 -0.85 10.98 3.06
N MET B 158 0.44 10.78 3.34
CA MET B 158 1.33 10.19 2.34
C MET B 158 0.91 8.76 1.99
N TYR B 159 0.51 7.97 2.98
CA TYR B 159 0.34 6.54 2.81
C TYR B 159 -1.12 6.13 2.78
N ASN B 160 -2.04 7.09 2.66
CA ASN B 160 -3.45 6.80 2.42
C ASN B 160 -4.01 5.85 3.48
N ASP B 161 -3.62 6.10 4.73
CA ASP B 161 -4.14 5.44 5.93
C ASP B 161 -3.82 3.96 6.01
N SER B 162 -3.01 3.41 5.10
CA SER B 162 -2.78 1.97 4.97
C SER B 162 -1.37 1.62 5.42
N SER B 163 -1.25 0.79 6.47
CA SER B 163 0.04 0.40 7.05
C SER B 163 1.00 1.58 7.07
N VAL B 164 0.52 2.67 7.66
CA VAL B 164 1.22 3.96 7.57
C VAL B 164 2.64 3.85 8.12
N LEU B 165 2.77 3.39 9.36
CA LEU B 165 4.09 3.29 9.97
C LEU B 165 4.97 2.32 9.20
N GLU B 166 4.41 1.16 8.86
CA GLU B 166 5.22 0.10 8.27
C GLU B 166 5.75 0.48 6.89
N ASN B 167 4.94 1.21 6.11
CA ASN B 167 5.44 1.73 4.84
C ASN B 167 6.56 2.72 5.08
N HIS B 168 6.42 3.56 6.11
CA HIS B 168 7.44 4.54 6.40
C HIS B 168 8.74 3.87 6.88
N HIS B 169 8.62 2.83 7.73
CA HIS B 169 9.81 2.12 8.19
C HIS B 169 10.61 1.57 7.01
N LEU B 170 9.91 0.95 6.06
CA LEU B 170 10.58 0.44 4.86
C LEU B 170 11.24 1.55 4.07
N ALA B 171 10.52 2.64 3.83
CA ALA B 171 11.05 3.73 3.02
C ALA B 171 12.32 4.29 3.62
N VAL B 172 12.36 4.46 4.94
CA VAL B 172 13.56 4.98 5.61
C VAL B 172 14.68 3.95 5.55
N GLY B 173 14.38 2.70 5.91
CA GLY B 173 15.40 1.67 5.89
C GLY B 173 16.11 1.56 4.55
N PHE B 174 15.35 1.64 3.46
CA PHE B 174 15.97 1.53 2.14
C PHE B 174 16.64 2.83 1.73
N LYS B 175 16.05 3.97 2.06
CA LYS B 175 16.63 5.26 1.68
C LYS B 175 18.02 5.42 2.27
N LEU B 176 18.23 4.92 3.49
CA LEU B 176 19.51 5.07 4.16
C LEU B 176 20.63 4.31 3.47
N LEU B 177 20.30 3.31 2.64
CA LEU B 177 21.33 2.62 1.87
C LEU B 177 22.02 3.55 0.89
N GLN B 178 21.40 4.66 0.53
CA GLN B 178 21.92 5.61 -0.45
C GLN B 178 22.84 6.64 0.18
N GLU B 179 23.06 6.59 1.49
CA GLU B 179 24.01 7.49 2.11
C GLU B 179 25.44 7.05 1.80
N GLU B 180 26.38 7.97 1.99
CA GLU B 180 27.77 7.70 1.65
C GLU B 180 28.29 6.47 2.36
N ASN B 181 28.79 5.50 1.58
CA ASN B 181 29.35 4.24 2.08
C ASN B 181 28.36 3.48 2.95
N CYS B 182 27.08 3.52 2.56
CA CYS B 182 26.05 2.80 3.29
C CYS B 182 25.41 1.67 2.50
N ASP B 183 25.81 1.44 1.25
CA ASP B 183 25.12 0.43 0.42
C ASP B 183 25.72 -0.94 0.67
N ILE B 184 25.20 -1.63 1.70
CA ILE B 184 25.67 -2.96 2.06
C ILE B 184 25.30 -4.01 1.02
N PHE B 185 24.45 -3.67 0.06
CA PHE B 185 24.05 -4.61 -0.98
C PHE B 185 24.75 -4.33 -2.31
N GLN B 186 25.80 -3.51 -2.27
CA GLN B 186 26.43 -3.03 -3.50
C GLN B 186 27.00 -4.15 -4.35
N ASN B 187 27.34 -5.29 -3.76
CA ASN B 187 27.91 -6.41 -4.51
C ASN B 187 26.90 -7.53 -4.73
N LEU B 188 25.61 -7.24 -4.52
CA LEU B 188 24.57 -8.13 -4.97
C LEU B 188 24.25 -7.85 -6.42
N THR B 189 23.92 -8.89 -7.17
CA THR B 189 23.45 -8.69 -8.52
C THR B 189 22.15 -7.87 -8.51
N LYS B 190 21.84 -7.26 -9.64
CA LYS B 190 20.58 -6.52 -9.76
C LYS B 190 19.39 -7.42 -9.44
N LYS B 191 19.43 -8.67 -9.89
CA LYS B 191 18.33 -9.59 -9.64
C LYS B 191 18.25 -9.96 -8.16
N GLN B 192 19.39 -10.18 -7.51
CA GLN B 192 19.41 -10.47 -6.09
C GLN B 192 18.83 -9.31 -5.28
N ARG B 193 19.22 -8.08 -5.64
CA ARG B 193 18.70 -6.91 -4.95
C ARG B 193 17.20 -6.79 -5.10
N GLN B 194 16.69 -7.01 -6.31
CA GLN B 194 15.25 -6.95 -6.55
C GLN B 194 14.52 -8.02 -5.74
N SER B 195 15.08 -9.21 -5.64
CA SER B 195 14.42 -10.27 -4.89
C SER B 195 14.44 -9.98 -3.40
N LEU B 196 15.59 -9.54 -2.88
CA LEU B 196 15.69 -9.17 -1.47
C LEU B 196 14.73 -8.03 -1.14
N ARG B 197 14.66 -7.02 -2.01
CA ARG B 197 13.79 -5.88 -1.74
C ARG B 197 12.34 -6.33 -1.59
N LYS B 198 11.87 -7.17 -2.52
CA LYS B 198 10.49 -7.62 -2.45
C LYS B 198 10.24 -8.39 -1.15
N MET B 199 11.17 -9.27 -0.78
CA MET B 199 10.99 -10.06 0.44
C MET B 199 10.97 -9.17 1.67
N VAL B 200 11.87 -8.19 1.73
CA VAL B 200 11.92 -7.30 2.89
C VAL B 200 10.62 -6.50 3.02
N ILE B 201 10.12 -5.98 1.90
CA ILE B 201 8.85 -5.26 1.92
C ILE B 201 7.73 -6.16 2.41
N ASP B 202 7.65 -7.39 1.86
CA ASP B 202 6.60 -8.32 2.26
C ASP B 202 6.66 -8.62 3.76
N ILE B 203 7.87 -8.75 4.31
CA ILE B 203 8.02 -9.08 5.73
C ILE B 203 7.64 -7.90 6.61
N VAL B 204 8.16 -6.71 6.32
CA VAL B 204 7.88 -5.57 7.20
C VAL B 204 6.42 -5.18 7.14
N LEU B 205 5.80 -5.23 5.96
CA LEU B 205 4.36 -4.91 5.91
C LEU B 205 3.56 -5.88 6.76
N ALA B 206 4.04 -7.11 6.94
CA ALA B 206 3.34 -8.08 7.77
C ALA B 206 3.49 -7.82 9.26
N THR B 207 4.30 -6.84 9.67
CA THR B 207 4.37 -6.52 11.09
C THR B 207 3.26 -5.58 11.54
N ASP B 208 2.46 -5.05 10.62
CA ASP B 208 1.28 -4.28 10.97
C ASP B 208 0.29 -5.17 11.72
N MET B 209 -0.06 -4.79 12.96
CA MET B 209 -0.93 -5.65 13.74
C MET B 209 -2.32 -5.83 13.12
N SER B 210 -2.74 -4.94 12.23
CA SER B 210 -4.02 -5.16 11.58
C SER B 210 -4.01 -6.37 10.66
N LYS B 211 -2.84 -6.93 10.36
CA LYS B 211 -2.70 -8.12 9.52
C LYS B 211 -2.52 -9.38 10.33
N HIS B 212 -2.49 -9.29 11.66
CA HIS B 212 -2.17 -10.43 12.51
C HIS B 212 -3.15 -11.58 12.31
N MET B 213 -4.45 -11.29 12.29
CA MET B 213 -5.44 -12.38 12.22
C MET B 213 -5.33 -13.16 10.92
N ASN B 214 -5.16 -12.46 9.79
CA ASN B 214 -5.01 -13.16 8.52
C ASN B 214 -3.70 -13.94 8.47
N LEU B 215 -2.62 -13.36 9.00
CA LEU B 215 -1.35 -14.07 9.07
C LEU B 215 -1.47 -15.34 9.88
N LEU B 216 -2.13 -15.25 11.04
CA LEU B 216 -2.26 -16.41 11.90
C LEU B 216 -3.08 -17.50 11.23
N ALA B 217 -4.17 -17.11 10.55
CA ALA B 217 -4.98 -18.09 9.83
C ALA B 217 -4.16 -18.82 8.78
N ASP B 218 -3.26 -18.11 8.10
CA ASP B 218 -2.43 -18.77 7.09
C ASP B 218 -1.37 -19.65 7.71
N LEU B 219 -0.83 -19.26 8.87
CA LEU B 219 0.06 -20.14 9.59
C LEU B 219 -0.66 -21.41 10.01
N LYS B 220 -1.91 -21.28 10.48
CA LYS B 220 -2.69 -22.45 10.89
C LYS B 220 -2.93 -23.38 9.71
N THR B 221 -3.32 -22.81 8.57
CA THR B 221 -3.54 -23.60 7.36
C THR B 221 -2.28 -24.38 7.00
N MET B 222 -1.13 -23.70 7.04
CA MET B 222 0.13 -24.38 6.75
C MET B 222 0.44 -25.48 7.76
N VAL B 223 0.07 -25.29 9.02
CA VAL B 223 0.31 -26.34 10.01
C VAL B 223 -0.55 -27.57 9.69
N GLU B 224 -1.82 -27.36 9.32
CA GLU B 224 -2.71 -28.47 9.06
C GLU B 224 -2.25 -29.32 7.87
N THR B 225 -1.61 -28.70 6.88
CA THR B 225 -1.18 -29.39 5.68
C THR B 225 0.33 -29.52 5.61
N LYS B 226 1.03 -29.41 6.73
CA LYS B 226 2.48 -29.38 6.72
C LYS B 226 3.04 -30.73 6.28
N LYS B 227 4.08 -30.68 5.47
CA LYS B 227 4.82 -31.85 5.04
C LYS B 227 6.20 -31.82 5.67
N VAL B 228 6.62 -32.96 6.21
CA VAL B 228 7.91 -33.06 6.88
C VAL B 228 8.64 -34.30 6.39
N THR B 229 9.95 -34.29 6.59
CA THR B 229 10.75 -35.49 6.44
C THR B 229 10.44 -36.47 7.58
N SER B 230 11.06 -37.64 7.53
CA SER B 230 10.94 -38.58 8.63
C SER B 230 11.52 -38.00 9.92
N SER B 231 12.55 -37.16 9.80
CA SER B 231 13.16 -36.50 10.95
C SER B 231 12.34 -35.31 11.45
N GLY B 232 11.22 -34.98 10.81
CA GLY B 232 10.39 -33.89 11.26
C GLY B 232 10.84 -32.52 10.80
N VAL B 233 11.48 -32.44 9.64
CA VAL B 233 11.94 -31.16 9.07
C VAL B 233 10.94 -30.70 8.03
N LEU B 234 10.60 -29.41 8.05
CA LEU B 234 9.53 -28.90 7.21
C LEU B 234 9.97 -28.81 5.76
N LEU B 235 9.02 -29.10 4.87
CA LEU B 235 9.24 -29.06 3.42
C LEU B 235 8.32 -27.99 2.85
N LEU B 236 8.91 -26.91 2.35
CA LEU B 236 8.16 -25.75 1.87
C LEU B 236 8.60 -25.47 0.42
N ASP B 237 7.83 -25.98 -0.54
CA ASP B 237 8.31 -25.92 -1.92
C ASP B 237 8.06 -24.57 -2.58
N ASN B 238 6.93 -23.91 -2.33
CA ASN B 238 6.65 -22.72 -3.12
C ASN B 238 6.90 -21.44 -2.33
N TYR B 239 7.27 -20.39 -3.07
CA TYR B 239 7.63 -19.12 -2.46
C TYR B 239 6.50 -18.57 -1.60
N SER B 240 5.25 -18.78 -2.01
CA SER B 240 4.13 -18.23 -1.24
C SER B 240 4.13 -18.76 0.19
N ASP B 241 4.43 -20.04 0.36
CA ASP B 241 4.50 -20.60 1.69
C ASP B 241 5.74 -20.12 2.43
N ARG B 242 6.87 -20.04 1.74
CA ARG B 242 8.10 -19.63 2.41
C ARG B 242 8.02 -18.18 2.90
N ILE B 243 7.45 -17.28 2.10
CA ILE B 243 7.35 -15.90 2.58
C ILE B 243 6.35 -15.79 3.71
N GLN B 244 5.30 -16.64 3.70
CA GLN B 244 4.35 -16.67 4.81
C GLN B 244 5.04 -17.08 6.10
N VAL B 245 5.96 -18.05 6.04
CA VAL B 245 6.66 -18.46 7.25
C VAL B 245 7.58 -17.35 7.75
N LEU B 246 8.27 -16.67 6.82
CA LEU B 246 9.16 -15.58 7.22
C LEU B 246 8.38 -14.41 7.79
N GLN B 247 7.21 -14.12 7.20
CA GLN B 247 6.35 -13.07 7.76
C GLN B 247 5.92 -13.42 9.18
N ASN B 248 5.46 -14.65 9.38
CA ASN B 248 5.05 -15.06 10.73
C ASN B 248 6.25 -15.17 11.66
N MET B 249 7.42 -15.52 11.13
CA MET B 249 8.60 -15.60 11.98
C MET B 249 8.99 -14.24 12.54
N VAL B 250 9.05 -13.22 11.67
CA VAL B 250 9.42 -11.90 12.16
C VAL B 250 8.29 -11.31 13.01
N HIS B 251 7.05 -11.63 12.68
CA HIS B 251 5.91 -11.26 13.52
C HIS B 251 6.01 -11.88 14.92
N CYS B 252 6.38 -13.16 14.99
CA CYS B 252 6.63 -13.80 16.29
C CYS B 252 7.76 -13.10 17.04
N ALA B 253 8.85 -12.76 16.35
CA ALA B 253 9.95 -12.06 16.98
C ALA B 253 9.50 -10.70 17.49
N ASP B 254 8.68 -10.00 16.71
CA ASP B 254 8.10 -8.72 17.13
C ASP B 254 7.26 -8.88 18.39
N LEU B 255 6.59 -10.03 18.53
CA LEU B 255 5.68 -10.30 19.64
C LEU B 255 6.30 -11.32 20.59
N SER B 256 7.60 -11.23 20.81
CA SER B 256 8.30 -12.22 21.61
C SER B 256 8.55 -11.78 23.05
N ASN B 257 8.25 -10.53 23.42
CA ASN B 257 8.57 -10.11 24.77
C ASN B 257 7.99 -11.04 25.84
N PRO B 258 6.71 -11.44 25.79
CA PRO B 258 6.18 -12.32 26.84
C PRO B 258 6.79 -13.71 26.86
N THR B 259 7.57 -14.09 25.85
CA THR B 259 8.21 -15.40 25.80
C THR B 259 9.65 -15.36 26.34
N LYS B 260 10.12 -14.20 26.76
CA LYS B 260 11.48 -14.06 27.26
C LYS B 260 11.50 -14.27 28.76
N PRO B 261 12.67 -14.53 29.33
CA PRO B 261 12.79 -14.54 30.80
C PRO B 261 12.11 -13.33 31.42
N LEU B 262 11.43 -13.59 32.54
CA LEU B 262 10.51 -12.61 33.12
C LEU B 262 11.17 -11.26 33.36
N GLN B 263 12.44 -11.27 33.78
CA GLN B 263 13.14 -10.02 34.05
C GLN B 263 13.22 -9.14 32.81
N LEU B 264 13.46 -9.75 31.64
CA LEU B 264 13.40 -9.03 30.37
C LEU B 264 11.97 -8.60 30.05
N TYR B 265 11.02 -9.53 30.17
CA TYR B 265 9.62 -9.26 29.84
C TYR B 265 9.10 -8.06 30.63
N ARG B 266 9.38 -8.03 31.93
CA ARG B 266 8.87 -6.93 32.75
C ARG B 266 9.46 -5.59 32.33
N GLN B 267 10.72 -5.56 31.88
CA GLN B 267 11.29 -4.32 31.37
C GLN B 267 10.60 -3.86 30.09
N TRP B 268 10.28 -4.81 29.21
CA TRP B 268 9.55 -4.47 27.99
C TRP B 268 8.16 -3.94 28.32
N THR B 269 7.51 -4.53 29.31
CA THR B 269 6.17 -4.09 29.69
C THR B 269 6.21 -2.66 30.23
N ASP B 270 7.22 -2.37 31.07
CA ASP B 270 7.38 -1.00 31.56
C ASP B 270 7.54 -0.02 30.40
N ARG B 271 8.32 -0.41 29.39
CA ARG B 271 8.58 0.51 28.28
C ARG B 271 7.34 0.69 27.40
N ILE B 272 6.63 -0.39 27.07
CA ILE B 272 5.47 -0.21 26.19
C ILE B 272 4.39 0.59 26.92
N MET B 273 4.27 0.43 28.24
CA MET B 273 3.27 1.20 28.96
C MET B 273 3.67 2.67 29.06
N GLU B 274 4.97 2.95 29.22
CA GLU B 274 5.41 4.35 29.18
C GLU B 274 5.10 4.98 27.83
N GLU B 275 5.32 4.24 26.76
CA GLU B 275 5.05 4.78 25.43
C GLU B 275 3.55 4.97 25.22
N PHE B 276 2.75 3.97 25.59
CA PHE B 276 1.31 4.06 25.47
C PHE B 276 0.78 5.24 26.28
N PHE B 277 1.29 5.42 27.50
CA PHE B 277 0.82 6.52 28.34
C PHE B 277 1.17 7.87 27.74
N ARG B 278 2.37 8.00 27.18
CA ARG B 278 2.72 9.25 26.50
C ARG B 278 1.79 9.51 25.31
N GLN B 279 1.36 8.46 24.60
CA GLN B 279 0.37 8.68 23.55
C GLN B 279 -0.95 9.14 24.15
N GLY B 280 -1.38 8.51 25.25
CA GLY B 280 -2.62 8.89 25.89
C GLY B 280 -2.61 10.30 26.44
N ASP B 281 -1.43 10.77 26.87
CA ASP B 281 -1.31 12.17 27.31
C ASP B 281 -1.51 13.12 26.14
N ARG B 282 -0.91 12.81 24.98
CA ARG B 282 -1.11 13.64 23.80
C ARG B 282 -2.56 13.61 23.35
N GLU B 283 -3.19 12.44 23.40
CA GLU B 283 -4.60 12.34 23.05
C GLU B 283 -5.47 13.14 24.02
N ARG B 284 -5.20 13.02 25.32
CA ARG B 284 -5.98 13.76 26.30
C ARG B 284 -5.83 15.26 26.09
N GLU B 285 -4.59 15.73 25.91
CA GLU B 285 -4.36 17.16 25.70
C GLU B 285 -5.11 17.66 24.48
N ARG B 286 -5.16 16.85 23.41
CA ARG B 286 -5.88 17.22 22.20
C ARG B 286 -7.38 17.06 22.33
N GLY B 287 -7.88 16.50 23.43
CA GLY B 287 -9.29 16.20 23.55
C GLY B 287 -9.75 14.98 22.77
N MET B 288 -8.83 14.10 22.42
CA MET B 288 -9.20 12.90 21.69
C MET B 288 -9.59 11.79 22.65
N GLU B 289 -10.38 10.84 22.13
CA GLU B 289 -10.63 9.60 22.86
C GLU B 289 -9.32 8.87 23.12
N ILE B 290 -9.09 8.48 24.37
CA ILE B 290 -7.82 7.86 24.74
C ILE B 290 -7.80 6.42 24.27
N SER B 291 -6.71 6.02 23.62
CA SER B 291 -6.61 4.68 23.04
C SER B 291 -6.52 3.61 24.14
N PRO B 292 -6.91 2.38 23.84
CA PRO B 292 -6.85 1.31 24.85
C PRO B 292 -5.46 1.16 25.43
N MET B 293 -5.40 0.97 26.74
CA MET B 293 -4.16 0.80 27.50
C MET B 293 -3.30 2.06 27.54
N CYS B 294 -3.83 3.19 27.08
CA CYS B 294 -3.04 4.43 27.01
C CYS B 294 -3.40 5.45 28.08
N ASP B 295 -4.34 5.13 28.97
CA ASP B 295 -4.82 6.06 29.99
C ASP B 295 -4.16 5.73 31.32
N LYS B 296 -3.14 6.52 31.68
CA LYS B 296 -2.37 6.27 32.90
C LYS B 296 -3.20 6.40 34.17
N HIS B 297 -4.33 7.11 34.11
CA HIS B 297 -5.23 7.23 35.26
C HIS B 297 -6.25 6.10 35.31
N ASN B 298 -6.27 5.22 34.33
CA ASN B 298 -7.25 4.15 34.28
C ASN B 298 -6.65 2.92 33.59
N ALA B 299 -5.45 2.53 33.99
CA ALA B 299 -4.79 1.39 33.38
C ALA B 299 -4.84 0.18 34.32
N SER B 300 -4.75 -1.00 33.72
CA SER B 300 -4.54 -2.24 34.46
C SER B 300 -3.47 -3.01 33.69
N VAL B 301 -2.21 -2.69 34.01
CA VAL B 301 -1.06 -3.20 33.25
C VAL B 301 -1.05 -4.72 33.26
N GLU B 302 -1.32 -5.32 34.41
CA GLU B 302 -1.22 -6.77 34.54
C GLU B 302 -2.36 -7.48 33.82
N LYS B 303 -3.59 -6.99 33.97
CA LYS B 303 -4.70 -7.59 33.24
C LYS B 303 -4.49 -7.45 31.74
N SER B 304 -3.91 -6.32 31.31
CA SER B 304 -3.64 -6.12 29.89
C SER B 304 -2.64 -7.14 29.37
N GLN B 305 -1.60 -7.44 30.15
CA GLN B 305 -0.62 -8.43 29.71
C GLN B 305 -1.25 -9.81 29.59
N VAL B 306 -2.06 -10.20 30.57
CA VAL B 306 -2.72 -11.51 30.50
C VAL B 306 -3.63 -11.58 29.30
N GLY B 307 -4.43 -10.53 29.07
CA GLY B 307 -5.29 -10.54 27.90
C GLY B 307 -4.52 -10.55 26.59
N PHE B 308 -3.40 -9.82 26.55
CA PHE B 308 -2.57 -9.79 25.35
C PHE B 308 -1.97 -11.16 25.07
N ILE B 309 -1.53 -11.86 26.11
CA ILE B 309 -1.04 -13.22 25.93
C ILE B 309 -2.17 -14.15 25.50
N ASP B 310 -3.31 -14.05 26.16
CA ASP B 310 -4.37 -15.02 25.94
C ASP B 310 -4.95 -14.92 24.53
N TYR B 311 -5.07 -13.70 23.99
CA TYR B 311 -5.78 -13.51 22.74
C TYR B 311 -4.88 -13.30 21.53
N ILE B 312 -3.63 -12.89 21.72
CA ILE B 312 -2.71 -12.62 20.61
C ILE B 312 -1.47 -13.49 20.68
N VAL B 313 -0.72 -13.41 21.78
CA VAL B 313 0.64 -13.93 21.79
C VAL B 313 0.66 -15.45 21.90
N HIS B 314 -0.12 -16.01 22.81
CA HIS B 314 -0.12 -17.46 22.94
C HIS B 314 -0.72 -18.15 21.70
N PRO B 315 -1.86 -17.70 21.14
CA PRO B 315 -2.33 -18.33 19.90
C PRO B 315 -1.29 -18.31 18.80
N LEU B 316 -0.56 -17.21 18.64
CA LEU B 316 0.47 -17.13 17.63
C LEU B 316 1.61 -18.11 17.92
N TRP B 317 2.12 -18.11 19.16
CA TRP B 317 3.30 -18.90 19.46
C TRP B 317 2.99 -20.38 19.59
N GLU B 318 1.76 -20.74 19.95
CA GLU B 318 1.45 -22.16 19.98
C GLU B 318 1.24 -22.70 18.57
N THR B 319 0.75 -21.85 17.65
CA THR B 319 0.69 -22.26 16.26
C THR B 319 2.10 -22.38 15.68
N TRP B 320 2.95 -21.38 15.93
CA TRP B 320 4.35 -21.50 15.56
C TRP B 320 4.99 -22.76 16.15
N ALA B 321 4.67 -23.07 17.40
CA ALA B 321 5.23 -24.26 18.03
C ALA B 321 4.75 -25.53 17.35
N ASP B 322 3.48 -25.57 16.93
CA ASP B 322 3.00 -26.70 16.14
C ASP B 322 3.75 -26.83 14.82
N LEU B 323 4.09 -25.70 14.19
CA LEU B 323 4.79 -25.74 12.91
C LEU B 323 6.18 -26.35 13.05
N VAL B 324 6.88 -26.02 14.13
CA VAL B 324 8.26 -26.44 14.30
C VAL B 324 8.40 -27.48 15.41
N HIS B 325 7.31 -28.14 15.76
CA HIS B 325 7.24 -29.08 16.87
C HIS B 325 8.42 -30.07 16.83
N PRO B 326 9.19 -30.22 17.92
CA PRO B 326 9.11 -29.68 19.28
C PRO B 326 10.06 -28.54 19.58
N ASP B 327 10.57 -27.88 18.55
CA ASP B 327 11.73 -27.01 18.73
C ASP B 327 11.38 -25.72 19.48
N ALA B 328 10.11 -25.35 19.56
CA ALA B 328 9.71 -24.12 20.23
C ALA B 328 9.25 -24.36 21.66
N GLN B 329 9.43 -25.58 22.17
CA GLN B 329 8.80 -25.95 23.44
C GLN B 329 9.28 -25.08 24.60
N ASP B 330 10.59 -24.82 24.66
CA ASP B 330 11.13 -24.03 25.77
C ASP B 330 10.62 -22.61 25.71
N ILE B 331 10.50 -22.05 24.50
CA ILE B 331 9.96 -20.70 24.34
C ILE B 331 8.51 -20.66 24.81
N LEU B 332 7.71 -21.65 24.39
CA LEU B 332 6.32 -21.70 24.77
C LEU B 332 6.18 -21.94 26.27
N ASP B 333 7.09 -22.71 26.87
CA ASP B 333 7.07 -22.94 28.31
C ASP B 333 7.29 -21.63 29.07
N THR B 334 8.24 -20.81 28.63
CA THR B 334 8.49 -19.53 29.26
C THR B 334 7.27 -18.63 29.17
N LEU B 335 6.67 -18.55 27.98
CA LEU B 335 5.45 -17.76 27.79
C LEU B 335 4.38 -18.16 28.79
N GLU B 336 4.17 -19.46 28.96
CA GLU B 336 3.13 -19.93 29.86
C GLU B 336 3.47 -19.65 31.32
N ASP B 337 4.74 -19.80 31.69
CA ASP B 337 5.20 -19.42 33.04
C ASP B 337 4.92 -17.94 33.29
N ASN B 338 5.18 -17.11 32.30
CA ASN B 338 5.07 -15.67 32.49
C ASN B 338 3.61 -15.26 32.59
N ARG B 339 2.74 -15.88 31.79
CA ARG B 339 1.31 -15.63 31.89
C ARG B 339 0.80 -16.00 33.28
N GLU B 340 1.24 -17.15 33.79
CA GLU B 340 0.84 -17.54 35.13
C GLU B 340 1.31 -16.54 36.18
N TRP B 341 2.53 -16.04 36.03
CA TRP B 341 3.03 -15.08 37.01
C TRP B 341 2.23 -13.79 36.96
N TYR B 342 2.02 -13.23 35.76
CA TYR B 342 1.28 -11.97 35.67
C TYR B 342 -0.13 -12.13 36.23
N GLN B 343 -0.80 -13.25 35.95
CA GLN B 343 -2.11 -13.50 36.52
C GLN B 343 -2.07 -13.51 38.05
N SER B 344 -1.00 -14.07 38.61
CA SER B 344 -0.91 -14.12 40.07
C SER B 344 -0.75 -12.74 40.69
N THR B 345 -0.31 -11.74 39.91
CA THR B 345 -0.18 -10.39 40.45
C THR B 345 -1.51 -9.65 40.47
N ILE B 346 -2.56 -10.25 39.92
CA ILE B 346 -3.90 -9.68 39.94
C ILE B 346 -4.62 -10.22 41.18
N PRO B 347 -5.02 -9.36 42.14
CA PRO B 347 -5.70 -9.83 43.35
C PRO B 347 -7.11 -10.38 43.11
ZN ZN C . -6.05 7.32 -15.85
MG MG D . -3.55 5.98 -13.46
C4 AH9 E . -2.87 1.33 -23.56
C5 AH9 E . -3.16 2.00 -22.37
C6 AH9 E . -4.01 3.11 -22.39
C11 AH9 E . -2.33 0.05 -26.01
C7 AH9 E . -2.56 1.50 -21.09
C8 AH9 E . -4.00 3.07 -19.88
C9 AH9 E . -4.37 3.85 -21.12
C10 AH9 E . -5.61 4.37 -26.06
C12 AH9 E . -1.59 3.00 -19.37
N1 AH9 E . -2.66 2.54 -20.05
C3 AH9 E . -3.41 1.76 -24.75
C1 AH9 E . -4.55 3.52 -23.60
C2 AH9 E . -4.26 2.88 -24.78
O1 AH9 E . -4.75 3.23 -26.01
O2 AH9 E . -3.18 1.19 -25.98
O3 AH9 E . -1.62 3.98 -18.64
C1 EDO F . -12.53 14.49 3.06
O1 EDO F . -12.19 15.42 4.04
C2 EDO F . -11.22 13.95 2.51
O2 EDO F . -10.46 13.51 3.62
C1 EDO G . -8.08 2.88 3.62
O1 EDO G . -8.98 3.35 4.59
C2 EDO G . -8.90 2.51 2.39
O2 EDO G . -9.62 1.32 2.65
C1 EDO H . -23.87 19.52 5.15
O1 EDO H . -24.18 19.86 3.83
C2 EDO H . -23.09 18.21 5.13
O2 EDO H . -23.47 17.49 3.99
C1 EDO I . -22.55 6.13 1.93
O1 EDO I . -23.25 7.34 1.92
C2 EDO I . -21.18 6.38 2.56
O2 EDO I . -21.33 6.63 3.94
C1 EDO J . -7.61 -1.93 -4.90
O1 EDO J . -8.58 -2.86 -5.31
C2 EDO J . -7.84 -1.54 -3.45
O2 EDO J . -8.76 -0.48 -3.49
C1 EDO K . -15.55 2.85 -36.03
O1 EDO K . -16.49 3.23 -35.04
C2 EDO K . -16.15 2.99 -37.42
O2 EDO K . -17.54 2.89 -37.27
C1 EDO L . 3.71 0.44 -21.63
O1 EDO L . 3.99 -0.93 -21.56
C2 EDO L . 4.17 1.07 -20.33
O2 EDO L . 3.56 0.34 -19.29
C1 EDO M . -4.30 3.62 -38.94
O1 EDO M . -3.62 4.79 -39.32
C2 EDO M . -4.50 3.67 -37.42
O2 EDO M . -3.27 3.92 -36.80
C1 EDO N . 5.35 12.42 -21.21
O1 EDO N . 6.27 11.41 -21.52
C2 EDO N . 5.18 13.30 -22.44
O2 EDO N . 4.31 12.68 -23.36
ZN ZN O . 8.32 -3.83 16.34
MG MG P . 11.05 -26.84 -5.45
MG MG Q . 6.13 -1.92 14.01
MG MG R . 10.58 -24.86 32.38
C4 AH9 S . 1.13 -4.79 23.68
C5 AH9 S . 1.91 -4.62 22.52
C6 AH9 S . 3.29 -4.85 22.57
C11 AH9 S . -0.36 -5.14 26.01
C7 AH9 S . 1.23 -4.18 21.25
C8 AH9 S . 3.35 -4.58 20.08
C9 AH9 S . 4.16 -4.67 21.35
C10 AH9 S . 5.03 -5.93 26.22
C12 AH9 S . 2.18 -2.44 19.75
N1 AH9 S . 2.23 -3.66 20.31
C3 AH9 S . 1.72 -5.18 24.86
C1 AH9 S . 3.87 -5.24 23.78
C2 AH9 S . 3.10 -5.41 24.92
O1 AH9 S . 3.61 -5.80 26.12
O2 AH9 S . 1.04 -5.38 26.03
O3 AH9 S . 3.11 -1.90 19.18
C1 EDO T . -3.64 1.48 21.83
O1 EDO T . -4.28 0.24 21.82
C2 EDO T . -2.15 1.29 21.56
O2 EDO T . -1.92 1.64 20.22
C1 EDO U . 19.37 6.86 19.12
O1 EDO U . 19.27 7.37 17.82
C2 EDO U . 19.99 5.48 19.05
O2 EDO U . 19.06 4.67 18.39
C1 EDO V . 6.24 -5.99 -2.46
O1 EDO V . 5.45 -7.08 -2.83
C2 EDO V . 6.48 -5.11 -3.68
O2 EDO V . 7.22 -5.82 -4.62
C1 EDO W . -5.09 1.21 11.08
O1 EDO W . -3.82 0.83 10.59
C2 EDO W . -5.43 0.29 12.24
O2 EDO W . -4.38 0.37 13.15
C1 EDO X . 4.55 -6.42 38.87
O1 EDO X . 4.01 -5.64 39.89
C2 EDO X . 3.44 -6.67 37.85
O2 EDO X . 3.32 -5.52 37.04
C1 EDO Y . 7.53 -16.79 37.69
O1 EDO Y . 8.77 -16.61 38.31
C2 EDO Y . 7.84 -16.90 36.20
O2 EDO Y . 9.00 -17.69 36.14
#